data_2IFU
#
_entry.id   2IFU
#
_cell.length_a   83.378
_cell.length_b   90.813
_cell.length_c   264.173
_cell.angle_alpha   90.00
_cell.angle_beta   90.00
_cell.angle_gamma   90.00
#
_symmetry.space_group_name_H-M   'P 21 21 21'
#
loop_
_entity.id
_entity.type
_entity.pdbx_description
1 polymer gamma-snap
2 non-polymer 'SULFATE ION'
3 water water
#
_entity_poly.entity_id   1
_entity_poly.type   'polypeptide(L)'
_entity_poly.pdbx_seq_one_letter_code
;AIAAQKISEAHEHIAKAEKYLKTSF(MSE)KWKPDYDSAASEYAKAAVAFKNAKQLEQAKDAYLQEAEAHANNRSLFHAA
KAFEQAG(MSE)(MSE)LKDLQR(MSE)PEAVQYIEKASV(MSE)YVENGTPDTAA(MSE)ALDRAGKL(MSE)EPLDLS
KAVHLYQQAAAVFENEERLRQAAELIGKASRLLVRQQKFDEAAASLQKEKS(MSE)YKE(MSE)ENYPTCYKKCIAQVLV
QLHRADYVAAQKCVRESYSIPGFSGSEDCAALEDLLQAYDEQDEEQLLRVCRSPLVTY(MSE)DNDYAKLAISLKVPGGG
GGKKKPSASASAQPQEEEDDEYAGGLC
;
_entity_poly.pdbx_strand_id   A,B,C,D
#
loop_
_chem_comp.id
_chem_comp.type
_chem_comp.name
_chem_comp.formula
SO4 non-polymer 'SULFATE ION' 'O4 S -2'
#
# COMPACT_ATOMS: atom_id res chain seq x y z
N ALA A 3 42.22 -63.44 6.95
CA ALA A 3 42.35 -63.06 8.38
C ALA A 3 43.47 -62.03 8.57
N ALA A 4 44.36 -62.30 9.53
CA ALA A 4 45.53 -61.44 9.78
C ALA A 4 46.53 -61.39 8.59
N GLN A 5 46.46 -62.42 7.75
CA GLN A 5 47.17 -62.52 6.49
C GLN A 5 46.92 -61.29 5.65
N LYS A 6 45.65 -60.90 5.60
CA LYS A 6 45.19 -59.85 4.72
C LYS A 6 45.61 -58.45 5.18
N ILE A 7 45.59 -58.21 6.47
CA ILE A 7 46.07 -56.94 7.00
C ILE A 7 47.56 -56.79 6.68
N SER A 8 48.29 -57.90 6.86
CA SER A 8 49.69 -58.00 6.54
C SER A 8 49.96 -57.63 5.09
N GLU A 9 49.14 -58.13 4.18
CA GLU A 9 49.28 -57.82 2.78
C GLU A 9 49.00 -56.35 2.47
N ALA A 10 48.01 -55.81 3.18
CA ALA A 10 47.62 -54.43 2.97
C ALA A 10 48.76 -53.50 3.28
N HIS A 11 49.42 -53.71 4.40
CA HIS A 11 50.58 -52.92 4.76
C HIS A 11 51.72 -53.07 3.75
N GLU A 12 51.86 -54.25 3.16
CA GLU A 12 52.94 -54.54 2.19
C GLU A 12 52.66 -53.68 0.97
N HIS A 13 51.38 -53.55 0.65
CA HIS A 13 50.97 -52.78 -0.48
C HIS A 13 51.22 -51.25 -0.24
N ILE A 14 50.87 -50.75 0.96
CA ILE A 14 51.11 -49.34 1.27
C ILE A 14 52.62 -49.12 1.16
N ALA A 15 53.40 -49.99 1.78
CA ALA A 15 54.86 -49.89 1.65
C ALA A 15 55.33 -49.81 0.18
N LYS A 16 54.74 -50.60 -0.70
CA LYS A 16 55.18 -50.63 -2.08
C LYS A 16 54.73 -49.33 -2.73
N ALA A 17 53.45 -48.97 -2.56
CA ALA A 17 53.00 -47.62 -2.91
C ALA A 17 53.95 -46.55 -2.51
N GLU A 18 54.40 -46.54 -1.26
CA GLU A 18 55.25 -45.43 -0.85
C GLU A 18 56.56 -45.45 -1.62
N LYS A 19 57.01 -46.66 -1.95
CA LYS A 19 58.30 -46.79 -2.63
C LYS A 19 58.15 -46.25 -4.07
N TYR A 20 57.01 -46.52 -4.68
CA TYR A 20 56.82 -46.06 -5.99
C TYR A 20 56.79 -44.52 -6.04
N LEU A 21 56.27 -43.85 -4.98
CA LEU A 21 56.22 -42.37 -4.94
C LEU A 21 57.58 -41.78 -4.68
N LYS A 22 58.45 -42.52 -4.01
CA LYS A 22 59.82 -42.06 -3.81
C LYS A 22 60.59 -41.78 -5.11
N THR A 23 61.55 -40.88 -5.01
CA THR A 23 61.94 -40.14 -6.16
C THR A 23 63.42 -40.13 -6.12
N SER A 24 64.07 -39.96 -7.28
CA SER A 24 65.55 -40.02 -7.36
C SER A 24 66.12 -39.13 -8.49
N PHE A 25 67.42 -38.85 -8.52
CA PHE A 25 67.93 -38.00 -9.64
C PHE A 25 67.80 -38.68 -11.03
N MSE A 26 67.74 -40.02 -10.96
CA MSE A 26 67.53 -40.96 -12.04
C MSE A 26 66.07 -41.25 -12.29
O MSE A 26 65.69 -41.62 -13.41
CB MSE A 26 68.12 -42.23 -11.51
CG MSE A 26 68.55 -43.28 -12.42
SE MSE A 26 70.30 -43.90 -11.91
CE MSE A 26 69.85 -44.50 -9.81
N LYS A 27 65.21 -41.12 -11.27
CA LYS A 27 63.79 -41.08 -11.57
C LYS A 27 63.09 -39.91 -10.82
N TRP A 28 62.90 -38.81 -11.56
CA TRP A 28 62.56 -37.60 -10.87
C TRP A 28 61.12 -37.24 -10.76
N LYS A 29 60.23 -38.16 -11.19
CA LYS A 29 58.83 -37.99 -11.07
C LYS A 29 58.26 -39.22 -10.36
N PRO A 30 57.40 -39.02 -9.33
CA PRO A 30 56.95 -40.23 -8.64
C PRO A 30 56.19 -41.11 -9.63
N ASP A 31 56.15 -42.41 -9.34
CA ASP A 31 55.49 -43.36 -10.23
C ASP A 31 54.02 -43.37 -9.77
N TYR A 32 53.27 -42.35 -10.17
CA TYR A 32 51.88 -42.26 -9.67
C TYR A 32 51.04 -43.46 -10.06
N ASP A 33 51.21 -43.94 -11.29
CA ASP A 33 50.38 -45.03 -11.78
C ASP A 33 50.58 -46.28 -10.90
N SER A 34 51.82 -46.63 -10.55
CA SER A 34 52.04 -47.83 -9.83
C SER A 34 51.61 -47.67 -8.38
N ALA A 35 51.88 -46.50 -7.82
CA ALA A 35 51.36 -46.20 -6.46
C ALA A 35 49.84 -46.42 -6.40
N ALA A 36 49.14 -45.97 -7.43
CA ALA A 36 47.70 -46.09 -7.38
C ALA A 36 47.32 -47.56 -7.35
N SER A 37 47.97 -48.40 -8.15
CA SER A 37 47.63 -49.79 -8.20
C SER A 37 47.79 -50.43 -6.84
N GLU A 38 48.88 -50.08 -6.19
CA GLU A 38 49.18 -50.65 -4.93
C GLU A 38 48.15 -50.16 -3.85
N TYR A 39 47.79 -48.88 -3.91
CA TYR A 39 46.82 -48.37 -2.95
C TYR A 39 45.50 -49.10 -3.19
N ALA A 40 45.15 -49.34 -4.44
CA ALA A 40 43.94 -50.08 -4.73
C ALA A 40 44.03 -51.43 -4.05
N LYS A 41 45.21 -52.06 -4.05
CA LYS A 41 45.30 -53.43 -3.58
C LYS A 41 45.28 -53.47 -2.05
N ALA A 42 45.88 -52.45 -1.43
CA ALA A 42 45.80 -52.29 0.01
C ALA A 42 44.33 -52.17 0.39
N ALA A 43 43.57 -51.38 -0.38
CA ALA A 43 42.17 -51.10 -0.05
C ALA A 43 41.40 -52.38 -0.07
N VAL A 44 41.55 -53.14 -1.15
CA VAL A 44 40.82 -54.41 -1.30
C VAL A 44 41.18 -55.39 -0.16
N ALA A 45 42.43 -55.34 0.29
CA ALA A 45 42.88 -56.23 1.34
C ALA A 45 42.26 -55.84 2.70
N PHE A 46 42.35 -54.55 3.04
CA PHE A 46 41.72 -54.01 4.25
C PHE A 46 40.19 -54.33 4.29
N LYS A 47 39.55 -54.18 3.13
CA LYS A 47 38.15 -54.41 3.02
C LYS A 47 37.82 -55.87 3.34
N ASN A 48 38.65 -56.79 2.83
CA ASN A 48 38.37 -58.21 3.00
C ASN A 48 38.64 -58.61 4.41
N ALA A 49 39.53 -57.86 5.07
CA ALA A 49 39.84 -58.09 6.47
C ALA A 49 38.85 -57.38 7.39
N LYS A 50 37.86 -56.71 6.78
CA LYS A 50 36.84 -55.95 7.49
C LYS A 50 37.41 -54.78 8.28
N GLN A 51 38.49 -54.19 7.80
CA GLN A 51 39.06 -52.97 8.38
C GLN A 51 38.61 -51.80 7.52
N LEU A 52 37.30 -51.55 7.51
CA LEU A 52 36.69 -50.54 6.64
C LEU A 52 37.31 -49.14 6.67
N GLU A 53 37.65 -48.64 7.85
CA GLU A 53 38.24 -47.31 7.96
C GLU A 53 39.59 -47.25 7.24
N GLN A 54 40.43 -48.25 7.47
CA GLN A 54 41.69 -48.36 6.73
C GLN A 54 41.47 -48.56 5.22
N ALA A 55 40.49 -49.35 4.84
CA ALA A 55 40.20 -49.49 3.44
C ALA A 55 39.90 -48.11 2.84
N LYS A 56 39.10 -47.31 3.55
CA LYS A 56 38.78 -45.96 3.12
C LYS A 56 40.02 -45.07 2.98
N ASP A 57 40.94 -45.10 3.93
CA ASP A 57 42.10 -44.23 3.75
C ASP A 57 42.97 -44.65 2.57
N ALA A 58 42.89 -45.92 2.22
CA ALA A 58 43.75 -46.43 1.18
C ALA A 58 43.14 -45.98 -0.15
N TYR A 59 41.81 -46.00 -0.22
CA TYR A 59 41.14 -45.56 -1.41
C TYR A 59 41.40 -44.07 -1.65
N LEU A 60 41.58 -43.30 -0.59
CA LEU A 60 41.82 -41.87 -0.75
C LEU A 60 43.23 -41.69 -1.33
N GLN A 61 44.23 -42.38 -0.77
CA GLN A 61 45.56 -42.43 -1.42
C GLN A 61 45.46 -42.88 -2.92
N GLU A 62 44.60 -43.83 -3.23
CA GLU A 62 44.63 -44.30 -4.56
C GLU A 62 44.09 -43.16 -5.43
N ALA A 63 43.02 -42.50 -4.97
CA ALA A 63 42.45 -41.35 -5.66
C ALA A 63 43.47 -40.26 -5.91
N GLU A 64 44.19 -39.87 -4.87
CA GLU A 64 45.24 -38.92 -5.05
C GLU A 64 46.21 -39.36 -6.16
N ALA A 65 46.58 -40.66 -6.19
CA ALA A 65 47.65 -41.12 -7.06
C ALA A 65 47.14 -41.00 -8.49
N HIS A 66 45.92 -41.49 -8.73
CA HIS A 66 45.37 -41.41 -10.01
C HIS A 66 45.25 -39.95 -10.48
N ALA A 67 44.88 -39.01 -9.59
CA ALA A 67 44.64 -37.65 -10.04
C ALA A 67 46.01 -37.10 -10.47
N ASN A 68 47.03 -37.40 -9.67
CA ASN A 68 48.36 -37.00 -9.98
C ASN A 68 48.94 -37.60 -11.29
N ASN A 69 48.34 -38.67 -11.76
CA ASN A 69 48.68 -39.30 -13.00
C ASN A 69 47.73 -38.94 -14.10
N ARG A 70 46.99 -37.84 -13.89
CA ARG A 70 46.04 -37.30 -14.85
C ARG A 70 45.01 -38.34 -15.22
N SER A 71 44.69 -39.21 -14.31
CA SER A 71 43.76 -40.26 -14.65
C SER A 71 42.40 -40.02 -13.95
N LEU A 72 41.61 -39.10 -14.49
CA LEU A 72 40.46 -38.56 -13.78
C LEU A 72 39.34 -39.59 -13.51
N PHE A 73 39.00 -40.41 -14.48
CA PHE A 73 37.95 -41.40 -14.29
C PHE A 73 38.27 -42.33 -13.12
N HIS A 74 39.54 -42.74 -12.97
CA HIS A 74 39.91 -43.71 -11.98
C HIS A 74 40.02 -43.07 -10.58
N ALA A 75 40.52 -41.84 -10.53
CA ALA A 75 40.44 -41.06 -9.30
C ALA A 75 38.95 -41.00 -8.87
N ALA A 76 38.05 -40.67 -9.78
CA ALA A 76 36.70 -40.54 -9.37
C ALA A 76 36.21 -41.87 -8.77
N LYS A 77 36.46 -42.97 -9.49
CA LYS A 77 36.04 -44.30 -9.06
C LYS A 77 36.56 -44.60 -7.69
N ALA A 78 37.69 -44.07 -7.36
CA ALA A 78 38.28 -44.43 -6.10
C ALA A 78 37.65 -43.61 -4.96
N PHE A 79 37.41 -42.33 -5.21
CA PHE A 79 36.66 -41.47 -4.30
C PHE A 79 35.31 -42.10 -3.97
N GLU A 80 34.61 -42.58 -4.98
CA GLU A 80 33.33 -43.28 -4.77
C GLU A 80 33.53 -44.52 -3.87
N GLN A 81 34.68 -45.18 -3.96
CA GLN A 81 34.84 -46.34 -3.16
C GLN A 81 35.06 -45.91 -1.72
N ALA A 82 35.88 -44.88 -1.49
CA ALA A 82 36.03 -44.35 -0.15
C ALA A 82 34.65 -43.95 0.44
N GLY A 83 33.78 -43.35 -0.39
CA GLY A 83 32.51 -42.98 0.11
C GLY A 83 31.77 -44.23 0.52
N MSE A 84 31.85 -45.27 -0.31
CA MSE A 84 31.00 -46.41 0.01
CA MSE A 84 31.11 -46.53 -0.09
C MSE A 84 31.50 -47.17 1.23
O MSE A 84 30.70 -47.85 1.88
CB MSE A 84 30.68 -47.24 -1.24
CB MSE A 84 31.35 -47.53 -1.23
CG MSE A 84 29.84 -46.44 -2.27
CG MSE A 84 30.66 -48.88 -1.08
SE MSE A 84 28.17 -45.54 -1.59
SE MSE A 84 28.86 -48.86 -1.79
CE MSE A 84 28.77 -43.77 -1.14
CE MSE A 84 28.29 -50.70 -1.30
N MSE A 85 32.77 -46.98 1.60
CA MSE A 85 33.31 -47.49 2.84
C MSE A 85 32.68 -46.72 3.99
O MSE A 85 32.27 -47.33 5.02
CB MSE A 85 34.81 -47.32 2.93
CG MSE A 85 35.64 -48.20 1.97
SE MSE A 85 35.31 -50.13 2.21
CE MSE A 85 34.02 -50.46 0.74
N LEU A 86 32.57 -45.39 3.81
CA LEU A 86 31.99 -44.52 4.84
C LEU A 86 30.51 -44.82 5.07
N LYS A 87 29.78 -45.04 4.00
CA LYS A 87 28.39 -45.46 4.11
C LYS A 87 28.34 -46.74 4.92
N ASP A 88 29.22 -47.70 4.59
CA ASP A 88 29.16 -49.04 5.18
C ASP A 88 29.54 -49.00 6.64
N LEU A 89 30.20 -47.93 7.05
CA LEU A 89 30.57 -47.67 8.42
C LEU A 89 29.50 -46.85 9.18
N GLN A 90 28.35 -46.59 8.56
CA GLN A 90 27.33 -45.69 9.12
C GLN A 90 27.86 -44.27 9.33
N ARG A 91 28.68 -43.82 8.39
CA ARG A 91 29.12 -42.43 8.37
C ARG A 91 28.91 -41.77 7.00
N MSE A 92 27.69 -41.90 6.48
CA MSE A 92 27.30 -41.37 5.19
C MSE A 92 27.51 -39.85 5.05
O MSE A 92 27.95 -39.41 4.02
CB MSE A 92 25.86 -41.80 4.88
CG MSE A 92 25.36 -41.48 3.46
SE MSE A 92 26.46 -42.28 1.91
CE MSE A 92 25.54 -41.18 0.62
N PRO A 93 27.16 -39.05 6.07
CA PRO A 93 27.53 -37.64 5.94
C PRO A 93 28.94 -37.38 5.51
N GLU A 94 29.88 -38.11 6.06
CA GLU A 94 31.30 -37.91 5.74
C GLU A 94 31.67 -38.35 4.32
N ALA A 95 30.77 -39.07 3.65
CA ALA A 95 31.08 -39.54 2.30
C ALA A 95 30.82 -38.42 1.30
N VAL A 96 29.84 -37.57 1.61
CA VAL A 96 29.44 -36.52 0.69
C VAL A 96 30.60 -35.78 0.01
N GLN A 97 31.54 -35.26 0.78
CA GLN A 97 32.66 -34.51 0.24
C GLN A 97 33.36 -35.31 -0.89
N TYR A 98 33.49 -36.62 -0.69
CA TYR A 98 34.23 -37.45 -1.65
C TYR A 98 33.41 -37.74 -2.90
N ILE A 99 32.08 -37.93 -2.78
CA ILE A 99 31.19 -38.16 -3.93
C ILE A 99 31.10 -36.87 -4.76
N GLU A 100 31.27 -35.73 -4.08
CA GLU A 100 31.24 -34.44 -4.76
C GLU A 100 32.56 -34.27 -5.55
N LYS A 101 33.65 -34.62 -4.90
CA LYS A 101 34.98 -34.55 -5.53
C LYS A 101 34.97 -35.44 -6.78
N ALA A 102 34.41 -36.63 -6.67
CA ALA A 102 34.31 -37.55 -7.77
C ALA A 102 33.53 -36.95 -8.93
N SER A 103 32.37 -36.36 -8.63
CA SER A 103 31.52 -35.79 -9.68
C SER A 103 32.23 -34.66 -10.42
N VAL A 104 33.04 -33.86 -9.72
CA VAL A 104 33.79 -32.77 -10.37
C VAL A 104 34.75 -33.43 -11.35
N MSE A 105 35.33 -34.54 -10.93
CA MSE A 105 36.30 -35.21 -11.77
C MSE A 105 35.61 -35.88 -12.95
O MSE A 105 36.18 -35.95 -14.04
CB MSE A 105 37.18 -36.19 -10.95
CG MSE A 105 37.83 -35.43 -9.85
SE MSE A 105 39.29 -36.25 -9.38
CE MSE A 105 40.66 -34.81 -8.84
N TYR A 106 34.38 -36.33 -12.76
CA TYR A 106 33.67 -36.94 -13.84
C TYR A 106 33.27 -35.94 -14.94
N VAL A 107 32.79 -34.74 -14.56
CA VAL A 107 32.53 -33.73 -15.61
C VAL A 107 33.82 -33.26 -16.29
N GLU A 108 34.87 -33.05 -15.49
CA GLU A 108 36.16 -32.63 -16.00
C GLU A 108 36.69 -33.58 -17.04
N ASN A 109 36.06 -34.71 -17.11
CA ASN A 109 36.60 -35.74 -17.88
C ASN A 109 35.79 -35.96 -19.12
N GLY A 110 34.64 -35.31 -19.22
CA GLY A 110 33.78 -35.56 -20.36
C GLY A 110 32.80 -36.70 -20.16
N THR A 111 32.53 -37.09 -18.91
CA THR A 111 31.53 -38.14 -18.65
C THR A 111 30.52 -37.64 -17.62
N PRO A 112 29.70 -36.65 -18.02
CA PRO A 112 28.91 -35.94 -17.05
C PRO A 112 27.71 -36.75 -16.51
N ASP A 113 27.17 -37.65 -17.32
CA ASP A 113 26.16 -38.61 -16.87
C ASP A 113 26.60 -39.25 -15.59
N THR A 114 27.83 -39.72 -15.53
CA THR A 114 28.32 -40.42 -14.38
C THR A 114 28.38 -39.52 -13.17
N ALA A 115 28.69 -38.25 -13.40
CA ALA A 115 28.75 -37.25 -12.36
C ALA A 115 27.31 -37.15 -11.83
N ALA A 116 26.33 -37.02 -12.71
CA ALA A 116 24.97 -36.83 -12.24
C ALA A 116 24.41 -38.04 -11.51
N MSE A 117 24.86 -39.22 -11.86
CA MSE A 117 24.35 -40.39 -11.16
CA MSE A 117 24.36 -40.41 -11.16
C MSE A 117 25.00 -40.58 -9.81
O MSE A 117 24.39 -41.10 -8.91
CB MSE A 117 24.51 -41.63 -12.01
CB MSE A 117 24.59 -41.71 -11.94
CG MSE A 117 23.68 -41.55 -13.24
CG MSE A 117 24.06 -41.73 -13.35
SE MSE A 117 23.27 -43.30 -14.05
SE MSE A 117 22.06 -41.74 -13.69
CE MSE A 117 23.60 -44.53 -12.48
CE MSE A 117 21.33 -42.91 -12.37
N ALA A 118 26.25 -40.14 -9.68
CA ALA A 118 26.90 -40.27 -8.38
C ALA A 118 26.19 -39.28 -7.42
N LEU A 119 25.70 -38.16 -7.95
CA LEU A 119 25.14 -37.15 -7.10
C LEU A 119 23.71 -37.58 -6.69
N ASP A 120 22.91 -38.00 -7.67
CA ASP A 120 21.65 -38.70 -7.43
C ASP A 120 21.78 -39.80 -6.39
N ARG A 121 22.73 -40.71 -6.58
CA ARG A 121 22.88 -41.82 -5.68
C ARG A 121 23.10 -41.34 -4.24
N ALA A 122 24.02 -40.39 -4.05
CA ALA A 122 24.36 -39.85 -2.75
C ALA A 122 23.10 -39.15 -2.16
N GLY A 123 22.35 -38.46 -3.00
CA GLY A 123 21.15 -37.76 -2.55
C GLY A 123 20.25 -38.72 -1.79
N LYS A 124 19.88 -39.79 -2.47
CA LYS A 124 19.05 -40.82 -1.90
C LYS A 124 19.56 -41.38 -0.57
N LEU A 125 20.88 -41.53 -0.39
CA LEU A 125 21.39 -42.07 0.83
C LEU A 125 21.43 -41.00 1.93
N MSE A 126 21.29 -39.74 1.55
CA MSE A 126 21.31 -38.65 2.49
C MSE A 126 19.87 -38.37 3.04
O MSE A 126 19.70 -37.74 4.10
CB MSE A 126 21.82 -37.38 1.82
CG MSE A 126 23.20 -36.98 2.20
SE MSE A 126 23.92 -37.90 3.64
CE MSE A 126 24.56 -36.16 4.66
N GLU A 127 18.85 -38.83 2.30
CA GLU A 127 17.45 -38.63 2.68
C GLU A 127 17.11 -38.97 4.14
N PRO A 128 17.47 -40.18 4.63
CA PRO A 128 17.24 -40.51 6.02
C PRO A 128 18.10 -39.72 7.01
N LEU A 129 18.94 -38.79 6.57
CA LEU A 129 19.95 -38.26 7.48
C LEU A 129 19.89 -36.75 7.59
N ASP A 130 19.66 -36.10 6.47
CA ASP A 130 19.62 -34.67 6.41
C ASP A 130 18.96 -34.30 5.07
N LEU A 131 17.65 -34.06 5.11
CA LEU A 131 16.91 -33.73 3.91
C LEU A 131 17.46 -32.51 3.20
N SER A 132 18.01 -31.53 3.91
CA SER A 132 18.48 -30.34 3.22
C SER A 132 19.63 -30.71 2.27
N LYS A 133 20.62 -31.44 2.79
CA LYS A 133 21.73 -31.88 1.97
C LYS A 133 21.27 -32.79 0.83
N ALA A 134 20.30 -33.66 1.08
CA ALA A 134 19.71 -34.47 -0.01
C ALA A 134 19.10 -33.63 -1.12
N VAL A 135 18.36 -32.60 -0.74
CA VAL A 135 17.80 -31.66 -1.72
C VAL A 135 18.94 -31.00 -2.48
N HIS A 136 20.00 -30.60 -1.76
CA HIS A 136 21.14 -29.96 -2.40
C HIS A 136 21.87 -30.84 -3.47
N LEU A 137 22.08 -32.10 -3.15
CA LEU A 137 22.69 -33.03 -4.07
C LEU A 137 21.82 -33.23 -5.30
N TYR A 138 20.53 -33.30 -5.10
CA TYR A 138 19.64 -33.51 -6.22
C TYR A 138 19.64 -32.30 -7.14
N GLN A 139 19.84 -31.11 -6.57
CA GLN A 139 19.88 -29.90 -7.38
C GLN A 139 21.21 -29.89 -8.15
N GLN A 140 22.29 -30.26 -7.47
CA GLN A 140 23.56 -30.43 -8.11
C GLN A 140 23.47 -31.41 -9.26
N ALA A 141 22.81 -32.55 -9.04
CA ALA A 141 22.63 -33.54 -10.11
C ALA A 141 21.88 -32.94 -11.29
N ALA A 142 20.81 -32.17 -11.00
CA ALA A 142 19.99 -31.57 -12.04
C ALA A 142 20.80 -30.59 -12.86
N ALA A 143 21.67 -29.82 -12.20
CA ALA A 143 22.45 -28.80 -12.88
C ALA A 143 23.36 -29.50 -13.89
N VAL A 144 24.06 -30.55 -13.44
CA VAL A 144 24.83 -31.36 -14.34
C VAL A 144 23.98 -31.87 -15.51
N PHE A 145 22.81 -32.44 -15.25
CA PHE A 145 22.03 -33.03 -16.35
C PHE A 145 21.63 -31.95 -17.33
N GLU A 146 21.34 -30.76 -16.82
CA GLU A 146 20.92 -29.63 -17.64
C GLU A 146 22.10 -29.21 -18.53
N ASN A 147 23.29 -29.15 -17.98
CA ASN A 147 24.43 -28.71 -18.76
C ASN A 147 24.73 -29.60 -19.95
N GLU A 148 24.67 -30.90 -19.77
CA GLU A 148 24.80 -31.78 -20.93
C GLU A 148 23.48 -31.93 -21.66
N GLU A 149 22.53 -31.01 -21.38
CA GLU A 149 21.26 -30.95 -22.09
C GLU A 149 20.46 -32.25 -22.05
N ARG A 150 20.38 -32.85 -20.88
CA ARG A 150 19.49 -33.97 -20.71
C ARG A 150 18.29 -33.47 -19.87
N LEU A 151 17.26 -33.02 -20.57
CA LEU A 151 16.22 -32.25 -19.91
C LEU A 151 15.19 -33.06 -19.15
N ARG A 152 14.80 -34.22 -19.70
CA ARG A 152 13.96 -35.17 -18.93
C ARG A 152 14.64 -35.49 -17.57
N GLN A 153 15.93 -35.81 -17.63
CA GLN A 153 16.70 -36.17 -16.45
C GLN A 153 16.76 -35.02 -15.47
N ALA A 154 16.97 -33.81 -15.95
CA ALA A 154 17.16 -32.69 -15.03
C ALA A 154 15.82 -32.38 -14.30
N ALA A 155 14.74 -32.30 -15.06
CA ALA A 155 13.41 -32.10 -14.50
C ALA A 155 13.07 -33.15 -13.45
N GLU A 156 13.40 -34.42 -13.75
CA GLU A 156 13.09 -35.52 -12.83
C GLU A 156 13.74 -35.27 -11.48
N LEU A 157 14.98 -34.83 -11.52
CA LEU A 157 15.73 -34.52 -10.32
C LEU A 157 15.17 -33.31 -9.54
N ILE A 158 14.72 -32.29 -10.26
CA ILE A 158 14.07 -31.15 -9.62
C ILE A 158 12.76 -31.59 -8.92
N GLY A 159 11.95 -32.39 -9.62
CA GLY A 159 10.92 -33.20 -8.99
C GLY A 159 11.32 -33.80 -7.64
N LYS A 160 12.51 -34.42 -7.53
CA LYS A 160 12.80 -35.05 -6.28
C LYS A 160 12.99 -33.95 -5.27
N ALA A 161 13.60 -32.86 -5.69
CA ALA A 161 13.88 -31.82 -4.72
C ALA A 161 12.52 -31.10 -4.27
N SER A 162 11.61 -30.87 -5.22
CA SER A 162 10.28 -30.38 -4.95
C SER A 162 9.64 -31.23 -3.84
N ARG A 163 9.55 -32.53 -4.07
CA ARG A 163 8.94 -33.43 -3.12
C ARG A 163 9.55 -33.36 -1.74
N LEU A 164 10.87 -33.18 -1.64
CA LEU A 164 11.54 -33.25 -0.32
C LEU A 164 11.45 -31.93 0.39
N LEU A 165 11.37 -30.87 -0.39
CA LEU A 165 11.10 -29.55 0.16
C LEU A 165 9.68 -29.49 0.78
N VAL A 166 8.70 -30.11 0.12
CA VAL A 166 7.39 -30.28 0.71
C VAL A 166 7.53 -31.07 2.01
N ARG A 167 8.21 -32.22 2.00
CA ARG A 167 8.32 -33.01 3.19
C ARG A 167 8.96 -32.21 4.30
N GLN A 168 9.88 -31.32 3.94
CA GLN A 168 10.59 -30.51 4.93
C GLN A 168 9.73 -29.34 5.40
N GLN A 169 8.61 -29.14 4.70
CA GLN A 169 7.73 -28.00 4.96
C GLN A 169 8.42 -26.68 4.69
N LYS A 170 9.29 -26.65 3.68
CA LYS A 170 9.82 -25.38 3.17
C LYS A 170 9.02 -24.99 1.94
N PHE A 171 7.83 -24.45 2.16
CA PHE A 171 6.85 -24.32 1.09
C PHE A 171 7.21 -23.22 0.10
N ASP A 172 7.83 -22.14 0.57
CA ASP A 172 8.30 -21.14 -0.37
C ASP A 172 9.25 -21.77 -1.41
N GLU A 173 10.28 -22.49 -0.92
CA GLU A 173 11.22 -23.16 -1.78
C GLU A 173 10.48 -24.18 -2.64
N ALA A 174 9.59 -24.98 -2.04
CA ALA A 174 8.85 -25.96 -2.81
C ALA A 174 8.15 -25.30 -3.97
N ALA A 175 7.57 -24.14 -3.73
CA ALA A 175 6.86 -23.43 -4.79
C ALA A 175 7.80 -23.01 -5.93
N ALA A 176 8.97 -22.49 -5.58
CA ALA A 176 9.93 -22.07 -6.58
C ALA A 176 10.39 -23.31 -7.40
N SER A 177 10.67 -24.41 -6.73
CA SER A 177 11.08 -25.62 -7.37
C SER A 177 10.01 -26.12 -8.36
N LEU A 178 8.73 -26.05 -7.97
CA LEU A 178 7.65 -26.56 -8.81
C LEU A 178 7.43 -25.63 -9.98
N GLN A 179 7.80 -24.36 -9.85
CA GLN A 179 7.56 -23.46 -10.98
C GLN A 179 8.60 -23.82 -12.06
N LYS A 180 9.81 -24.06 -11.59
CA LYS A 180 10.91 -24.49 -12.42
C LYS A 180 10.56 -25.79 -13.13
N GLU A 181 10.12 -26.81 -12.39
CA GLU A 181 9.71 -28.06 -13.02
C GLU A 181 8.73 -27.74 -14.16
N LYS A 182 7.65 -27.05 -13.83
CA LYS A 182 6.59 -26.74 -14.78
C LYS A 182 7.12 -26.05 -16.05
N SER A 183 8.05 -25.10 -15.93
CA SER A 183 8.60 -24.50 -17.13
C SER A 183 9.34 -25.52 -18.04
N MSE A 184 10.16 -26.38 -17.43
CA MSE A 184 10.88 -27.39 -18.12
C MSE A 184 9.93 -28.33 -18.87
O MSE A 184 10.17 -28.58 -20.08
CB MSE A 184 11.78 -28.16 -17.15
CG MSE A 184 12.94 -27.29 -16.60
SE MSE A 184 13.78 -28.08 -15.05
CE MSE A 184 15.26 -28.92 -15.93
N TYR A 185 8.86 -28.83 -18.21
CA TYR A 185 7.97 -29.72 -18.91
C TYR A 185 7.22 -29.00 -20.00
N LYS A 186 7.04 -27.69 -19.79
CA LYS A 186 6.39 -26.86 -20.78
C LYS A 186 7.28 -26.72 -22.01
N GLU A 187 8.56 -26.40 -21.79
CA GLU A 187 9.51 -26.38 -22.88
C GLU A 187 9.60 -27.70 -23.66
N MSE A 188 9.76 -28.82 -22.97
CA MSE A 188 9.73 -30.15 -23.56
C MSE A 188 8.38 -30.52 -24.16
O MSE A 188 8.26 -31.53 -24.83
CB MSE A 188 10.03 -31.18 -22.49
CG MSE A 188 11.48 -31.40 -22.25
SE MSE A 188 11.68 -32.44 -20.68
CE MSE A 188 9.99 -33.79 -20.89
N GLU A 189 7.35 -29.74 -23.87
CA GLU A 189 5.99 -29.98 -24.37
C GLU A 189 5.33 -31.23 -23.83
N ASN A 190 5.68 -31.59 -22.60
CA ASN A 190 5.03 -32.69 -21.92
C ASN A 190 3.83 -32.16 -21.14
N TYR A 191 2.75 -31.87 -21.86
CA TYR A 191 1.63 -31.17 -21.24
C TYR A 191 0.95 -31.95 -20.12
N PRO A 192 0.61 -33.26 -20.34
CA PRO A 192 0.02 -34.04 -19.23
C PRO A 192 0.78 -33.93 -17.90
N THR A 193 2.07 -33.65 -17.94
CA THR A 193 2.84 -33.62 -16.71
C THR A 193 2.83 -32.24 -16.15
N CYS A 194 2.74 -31.24 -17.01
CA CYS A 194 2.49 -29.86 -16.53
C CYS A 194 1.22 -29.81 -15.61
N TYR A 195 0.08 -30.35 -16.08
CA TYR A 195 -1.16 -30.31 -15.33
C TYR A 195 -0.90 -30.81 -13.90
N LYS A 196 -0.15 -31.93 -13.80
CA LYS A 196 0.13 -32.51 -12.49
C LYS A 196 0.97 -31.52 -11.68
N LYS A 197 1.87 -30.79 -12.31
CA LYS A 197 2.66 -29.86 -11.49
C LYS A 197 1.73 -28.76 -10.92
N CYS A 198 0.73 -28.37 -11.72
CA CYS A 198 -0.21 -27.38 -11.32
C CYS A 198 -1.03 -27.88 -10.10
N ILE A 199 -1.43 -29.15 -10.11
CA ILE A 199 -2.03 -29.74 -8.90
C ILE A 199 -1.16 -29.52 -7.69
N ALA A 200 0.09 -29.85 -7.83
CA ALA A 200 1.01 -29.75 -6.71
C ALA A 200 1.21 -28.30 -6.31
N GLN A 201 1.28 -27.42 -7.27
CA GLN A 201 1.49 -26.01 -6.97
C GLN A 201 0.30 -25.46 -6.11
N VAL A 202 -0.92 -25.82 -6.49
CA VAL A 202 -2.08 -25.36 -5.81
C VAL A 202 -2.09 -25.94 -4.37
N LEU A 203 -1.76 -27.23 -4.24
CA LEU A 203 -1.74 -27.86 -2.92
C LEU A 203 -0.80 -27.11 -2.01
N VAL A 204 0.34 -26.73 -2.55
CA VAL A 204 1.32 -26.01 -1.76
C VAL A 204 0.80 -24.63 -1.38
N GLN A 205 0.18 -23.93 -2.31
CA GLN A 205 -0.19 -22.59 -2.02
C GLN A 205 -1.36 -22.54 -1.01
N LEU A 206 -2.35 -23.40 -1.19
CA LEU A 206 -3.41 -23.55 -0.24
C LEU A 206 -2.83 -23.90 1.12
N HIS A 207 -1.79 -24.72 1.17
CA HIS A 207 -1.19 -25.01 2.45
C HIS A 207 -0.59 -23.79 3.09
N ARG A 208 0.02 -22.92 2.31
CA ARG A 208 0.51 -21.63 2.84
C ARG A 208 -0.68 -20.68 3.14
N ALA A 209 -1.91 -21.11 2.84
CA ALA A 209 -3.10 -20.24 2.97
C ALA A 209 -2.98 -18.99 2.10
N ASP A 210 -2.33 -19.14 0.95
CA ASP A 210 -2.19 -18.07 -0.01
C ASP A 210 -3.15 -18.41 -1.17
N TYR A 211 -4.41 -18.22 -0.89
CA TYR A 211 -5.42 -18.52 -1.90
C TYR A 211 -5.25 -17.75 -3.22
N VAL A 212 -4.77 -16.49 -3.16
CA VAL A 212 -4.51 -15.75 -4.39
C VAL A 212 -3.45 -16.43 -5.26
N ALA A 213 -2.29 -16.77 -4.68
CA ALA A 213 -1.23 -17.43 -5.40
C ALA A 213 -1.79 -18.72 -6.00
N ALA A 214 -2.65 -19.41 -5.25
CA ALA A 214 -3.16 -20.69 -5.71
C ALA A 214 -3.97 -20.47 -6.96
N GLN A 215 -4.74 -19.41 -6.97
CA GLN A 215 -5.65 -19.21 -8.06
C GLN A 215 -4.89 -18.73 -9.29
N LYS A 216 -3.90 -17.89 -9.07
CA LYS A 216 -2.92 -17.52 -10.05
C LYS A 216 -2.29 -18.74 -10.80
N CYS A 217 -1.85 -19.81 -10.10
CA CYS A 217 -1.32 -20.95 -10.80
C CYS A 217 -2.30 -21.49 -11.80
N VAL A 218 -3.57 -21.64 -11.39
CA VAL A 218 -4.59 -22.17 -12.28
C VAL A 218 -4.78 -21.19 -13.44
N ARG A 219 -4.83 -19.90 -13.15
CA ARG A 219 -5.07 -18.93 -14.20
C ARG A 219 -3.98 -19.02 -15.25
N GLU A 220 -2.73 -19.19 -14.79
CA GLU A 220 -1.58 -19.22 -15.65
C GLU A 220 -1.63 -20.46 -16.48
N SER A 221 -2.12 -21.55 -15.92
CA SER A 221 -2.09 -22.82 -16.62
C SER A 221 -3.10 -22.90 -17.77
N TYR A 222 -4.09 -21.99 -17.78
CA TYR A 222 -5.07 -22.02 -18.86
C TYR A 222 -4.41 -21.88 -20.21
N SER A 223 -3.29 -21.20 -20.26
CA SER A 223 -2.62 -21.06 -21.53
C SER A 223 -1.73 -22.29 -21.89
N ILE A 224 -1.54 -23.26 -20.99
CA ILE A 224 -0.91 -24.53 -21.35
C ILE A 224 -1.86 -25.40 -22.14
N PRO A 225 -1.47 -25.77 -23.40
CA PRO A 225 -2.41 -26.49 -24.27
C PRO A 225 -2.97 -27.74 -23.59
N GLY A 226 -4.28 -27.91 -23.68
CA GLY A 226 -4.98 -29.05 -23.16
C GLY A 226 -5.28 -28.97 -21.68
N PHE A 227 -4.75 -27.98 -20.98
CA PHE A 227 -5.10 -27.85 -19.59
C PHE A 227 -6.62 -27.51 -19.33
N SER A 228 -7.18 -26.54 -20.05
CA SER A 228 -8.55 -26.12 -19.70
C SER A 228 -9.51 -27.28 -19.76
N GLY A 229 -9.31 -28.24 -20.65
CA GLY A 229 -10.34 -29.28 -20.85
C GLY A 229 -9.99 -30.55 -20.10
N SER A 230 -8.91 -30.53 -19.35
CA SER A 230 -8.52 -31.73 -18.63
C SER A 230 -9.23 -31.97 -17.27
N GLU A 231 -9.32 -33.24 -16.84
CA GLU A 231 -9.74 -33.59 -15.47
C GLU A 231 -8.95 -32.87 -14.43
N ASP A 232 -7.68 -32.62 -14.69
CA ASP A 232 -6.84 -31.99 -13.71
C ASP A 232 -7.39 -30.61 -13.37
N CYS A 233 -7.80 -29.90 -14.40
CA CYS A 233 -8.21 -28.56 -14.25
C CYS A 233 -9.57 -28.60 -13.61
N ALA A 234 -10.42 -29.57 -13.97
CA ALA A 234 -11.75 -29.62 -13.37
C ALA A 234 -11.62 -29.81 -11.86
N ALA A 235 -10.71 -30.67 -11.47
CA ALA A 235 -10.51 -30.99 -10.09
C ALA A 235 -10.00 -29.79 -9.32
N LEU A 236 -9.05 -29.04 -9.91
CA LEU A 236 -8.50 -27.88 -9.22
C LEU A 236 -9.56 -26.74 -9.11
N GLU A 237 -10.50 -26.72 -10.03
CA GLU A 237 -11.46 -25.66 -10.01
C GLU A 237 -12.46 -25.99 -8.87
N ASP A 238 -12.85 -27.26 -8.80
CA ASP A 238 -13.62 -27.74 -7.65
C ASP A 238 -12.91 -27.54 -6.31
N LEU A 239 -11.61 -27.65 -6.26
CA LEU A 239 -10.92 -27.49 -5.03
C LEU A 239 -10.95 -26.04 -4.60
N LEU A 240 -10.56 -25.14 -5.51
CA LEU A 240 -10.59 -23.72 -5.24
C LEU A 240 -12.02 -23.27 -4.84
N GLN A 241 -13.01 -23.69 -5.59
CA GLN A 241 -14.35 -23.34 -5.29
C GLN A 241 -14.73 -23.71 -3.86
N ALA A 242 -14.35 -24.92 -3.48
CA ALA A 242 -14.64 -25.44 -2.18
C ALA A 242 -13.92 -24.65 -1.13
N TYR A 243 -12.68 -24.25 -1.39
CA TYR A 243 -11.92 -23.50 -0.40
C TYR A 243 -12.52 -22.10 -0.25
N ASP A 244 -13.05 -21.56 -1.36
CA ASP A 244 -13.51 -20.22 -1.38
C ASP A 244 -14.85 -20.18 -0.64
N GLU A 245 -15.80 -21.02 -1.06
CA GLU A 245 -17.07 -21.22 -0.35
C GLU A 245 -16.97 -21.91 1.01
N GLN A 246 -15.77 -22.26 1.44
CA GLN A 246 -15.61 -22.94 2.73
C GLN A 246 -16.48 -24.22 2.89
N ASP A 247 -16.62 -24.99 1.81
CA ASP A 247 -17.37 -26.26 1.81
C ASP A 247 -16.45 -27.45 2.19
N GLU A 248 -16.42 -27.82 3.46
CA GLU A 248 -15.52 -28.86 3.93
C GLU A 248 -15.70 -30.22 3.25
N GLU A 249 -16.94 -30.65 3.12
CA GLU A 249 -17.27 -31.89 2.44
C GLU A 249 -16.67 -32.00 1.05
N GLN A 250 -16.82 -30.96 0.23
CA GLN A 250 -16.24 -30.94 -1.08
C GLN A 250 -14.72 -30.89 -1.03
N LEU A 251 -14.13 -30.20 -0.08
CA LEU A 251 -12.69 -30.01 -0.14
C LEU A 251 -12.03 -31.35 0.21
N LEU A 252 -12.61 -32.02 1.20
CA LEU A 252 -12.14 -33.33 1.60
C LEU A 252 -12.34 -34.35 0.48
N ARG A 253 -13.51 -34.34 -0.16
CA ARG A 253 -13.79 -35.22 -1.31
C ARG A 253 -12.74 -35.04 -2.39
N VAL A 254 -12.45 -33.81 -2.78
CA VAL A 254 -11.55 -33.64 -3.89
C VAL A 254 -10.17 -34.12 -3.48
N CYS A 255 -9.69 -33.71 -2.32
CA CYS A 255 -8.40 -34.12 -1.84
C CYS A 255 -8.25 -35.63 -1.66
N ARG A 256 -9.31 -36.39 -1.87
CA ARG A 256 -9.25 -37.83 -1.66
C ARG A 256 -9.67 -38.61 -2.92
N SER A 257 -9.89 -37.89 -4.01
CA SER A 257 -10.11 -38.47 -5.32
C SER A 257 -8.79 -39.01 -5.88
N PRO A 258 -8.90 -40.05 -6.73
CA PRO A 258 -7.76 -40.73 -7.36
C PRO A 258 -6.79 -39.74 -8.03
N LEU A 259 -7.32 -38.73 -8.73
CA LEU A 259 -6.46 -37.78 -9.36
C LEU A 259 -5.46 -37.32 -8.35
N VAL A 260 -5.89 -37.12 -7.11
CA VAL A 260 -5.00 -36.47 -6.15
C VAL A 260 -4.28 -37.50 -5.34
N THR A 261 -4.94 -38.58 -4.93
CA THR A 261 -4.27 -39.51 -4.04
C THR A 261 -3.20 -40.33 -4.78
N TYR A 262 -3.30 -40.37 -6.11
CA TYR A 262 -2.25 -41.08 -6.85
C TYR A 262 -1.09 -40.14 -7.19
N MSE A 263 -1.11 -38.93 -6.68
CA MSE A 263 0.06 -38.07 -6.84
C MSE A 263 1.22 -38.77 -6.13
O MSE A 263 1.02 -39.71 -5.36
CB MSE A 263 -0.11 -36.71 -6.16
CG MSE A 263 -1.28 -35.74 -6.59
SE MSE A 263 -0.88 -34.89 -8.20
CE MSE A 263 0.54 -33.66 -7.82
N ASP A 264 2.45 -38.28 -6.32
CA ASP A 264 3.55 -38.67 -5.47
C ASP A 264 3.21 -38.48 -4.01
N ASN A 265 3.76 -39.35 -3.17
CA ASN A 265 3.42 -39.43 -1.75
C ASN A 265 3.42 -38.10 -1.00
N ASP A 266 4.48 -37.32 -1.12
CA ASP A 266 4.54 -36.03 -0.45
C ASP A 266 3.39 -35.04 -0.80
N TYR A 267 2.89 -35.07 -2.04
CA TYR A 267 1.79 -34.20 -2.38
C TYR A 267 0.48 -34.83 -1.90
N ALA A 268 0.35 -36.15 -1.98
CA ALA A 268 -0.90 -36.78 -1.60
C ALA A 268 -1.16 -36.50 -0.13
N LYS A 269 -0.09 -36.57 0.65
CA LYS A 269 -0.17 -36.35 2.09
C LYS A 269 -0.60 -34.88 2.38
N LEU A 270 -0.03 -33.98 1.61
CA LEU A 270 -0.23 -32.57 1.78
C LEU A 270 -1.69 -32.29 1.49
N ALA A 271 -2.26 -33.05 0.57
CA ALA A 271 -3.66 -32.91 0.26
C ALA A 271 -4.50 -33.45 1.39
N ILE A 272 -4.03 -34.51 2.05
CA ILE A 272 -4.77 -35.16 3.10
C ILE A 272 -5.00 -34.19 4.23
N SER A 273 -3.97 -33.39 4.52
CA SER A 273 -3.98 -32.55 5.70
C SER A 273 -4.63 -31.17 5.49
N LEU A 274 -5.10 -30.91 4.28
CA LEU A 274 -5.67 -29.63 3.96
C LEU A 274 -7.03 -29.46 4.62
N LYS A 275 -7.28 -28.29 5.21
CA LYS A 275 -8.63 -27.96 5.73
C LYS A 275 -9.17 -26.64 5.21
N VAL A 276 -10.47 -26.60 4.97
CA VAL A 276 -11.22 -25.35 4.80
C VAL A 276 -10.79 -24.30 5.85
N PRO A 277 -10.57 -23.03 5.43
CA PRO A 277 -10.04 -21.99 6.34
C PRO A 277 -10.93 -21.63 7.54
N ALA B 3 -27.51 21.31 56.57
CA ALA B 3 -26.23 20.84 57.16
C ALA B 3 -26.39 19.45 57.80
N ALA B 4 -25.93 19.32 59.05
CA ALA B 4 -26.04 18.08 59.82
C ALA B 4 -27.50 17.66 60.01
N GLN B 5 -28.37 18.66 60.00
CA GLN B 5 -29.82 18.51 60.05
C GLN B 5 -30.31 17.52 59.01
N LYS B 6 -29.76 17.66 57.80
CA LYS B 6 -30.21 16.89 56.63
C LYS B 6 -29.85 15.40 56.69
N ILE B 7 -28.62 15.10 57.11
CA ILE B 7 -28.17 13.73 57.30
C ILE B 7 -29.05 13.05 58.38
N SER B 8 -29.33 13.80 59.44
CA SER B 8 -30.22 13.33 60.49
C SER B 8 -31.61 12.96 59.96
N GLU B 9 -32.18 13.79 59.08
CA GLU B 9 -33.47 13.43 58.47
C GLU B 9 -33.34 12.21 57.57
N ALA B 10 -32.19 12.08 56.93
CA ALA B 10 -31.96 11.00 55.99
C ALA B 10 -32.10 9.67 56.72
N HIS B 11 -31.37 9.56 57.83
CA HIS B 11 -31.43 8.36 58.65
C HIS B 11 -32.81 8.08 59.21
N GLU B 12 -33.53 9.14 59.60
CA GLU B 12 -34.94 9.02 59.97
C GLU B 12 -35.74 8.37 58.86
N HIS B 13 -35.46 8.78 57.61
CA HIS B 13 -36.21 8.26 56.49
C HIS B 13 -35.85 6.79 56.22
N ILE B 14 -34.58 6.42 56.37
CA ILE B 14 -34.19 5.01 56.17
C ILE B 14 -34.91 4.15 57.21
N ALA B 15 -34.88 4.61 58.44
CA ALA B 15 -35.57 3.95 59.56
C ALA B 15 -37.06 3.74 59.27
N LYS B 16 -37.74 4.76 58.76
CA LYS B 16 -39.16 4.62 58.44
C LYS B 16 -39.36 3.67 57.23
N ALA B 17 -38.50 3.79 56.24
CA ALA B 17 -38.46 2.80 55.18
C ALA B 17 -38.32 1.38 55.73
N GLU B 18 -37.40 1.18 56.67
CA GLU B 18 -37.20 -0.18 57.17
C GLU B 18 -38.43 -0.70 57.86
N LYS B 19 -39.07 0.18 58.61
CA LYS B 19 -40.30 -0.17 59.31
C LYS B 19 -41.39 -0.53 58.29
N TYR B 20 -41.42 0.17 57.16
CA TYR B 20 -42.48 -0.09 56.23
C TYR B 20 -42.37 -1.45 55.57
N LEU B 21 -41.12 -1.94 55.45
CA LEU B 21 -40.84 -3.27 54.85
C LEU B 21 -41.05 -4.36 55.87
N LYS B 22 -41.02 -4.04 57.16
CA LYS B 22 -41.32 -5.03 58.20
C LYS B 22 -42.72 -5.57 58.02
N THR B 23 -42.95 -6.72 58.60
CA THR B 23 -44.03 -7.58 58.16
C THR B 23 -44.60 -8.26 59.41
N SER B 24 -45.80 -8.80 59.30
CA SER B 24 -46.57 -9.20 60.50
C SER B 24 -47.66 -10.19 60.11
N PHE B 25 -48.22 -10.91 61.07
CA PHE B 25 -49.28 -11.87 60.73
C PHE B 25 -50.55 -11.12 60.27
N MSE B 26 -50.69 -9.87 60.73
CA MSE B 26 -51.74 -8.97 60.26
C MSE B 26 -51.39 -7.99 59.14
O MSE B 26 -52.28 -7.42 58.53
CB MSE B 26 -52.46 -8.27 61.41
CG MSE B 26 -51.80 -7.24 62.17
SE MSE B 26 -52.19 -7.78 64.02
CE MSE B 26 -50.71 -6.78 64.76
N LYS B 27 -50.10 -7.81 58.85
CA LYS B 27 -49.76 -7.22 57.59
C LYS B 27 -48.72 -8.04 56.86
N TRP B 28 -49.22 -8.92 56.03
CA TRP B 28 -48.32 -9.91 55.52
C TRP B 28 -47.53 -9.68 54.28
N LYS B 29 -47.66 -8.50 53.69
CA LYS B 29 -46.84 -8.05 52.57
C LYS B 29 -46.15 -6.75 52.91
N PRO B 30 -44.86 -6.63 52.63
CA PRO B 30 -44.26 -5.33 52.96
C PRO B 30 -44.97 -4.15 52.27
N ASP B 31 -44.94 -3.00 52.92
CA ASP B 31 -45.51 -1.79 52.35
C ASP B 31 -44.49 -1.18 51.38
N TYR B 32 -44.39 -1.77 50.19
CA TYR B 32 -43.30 -1.41 49.29
C TYR B 32 -43.44 0.05 48.84
N ASP B 33 -44.65 0.47 48.49
CA ASP B 33 -44.90 1.88 48.13
C ASP B 33 -44.38 2.90 49.14
N SER B 34 -44.67 2.72 50.43
CA SER B 34 -44.27 3.71 51.40
C SER B 34 -42.78 3.61 51.64
N ALA B 35 -42.27 2.38 51.67
CA ALA B 35 -40.81 2.24 51.74
C ALA B 35 -40.11 3.09 50.67
N ALA B 36 -40.67 3.07 49.46
CA ALA B 36 -39.98 3.70 48.34
C ALA B 36 -40.00 5.19 48.61
N SER B 37 -41.16 5.72 48.98
CA SER B 37 -41.27 7.15 49.25
C SER B 37 -40.21 7.58 50.21
N GLU B 38 -39.98 6.77 51.23
CA GLU B 38 -39.07 7.18 52.29
C GLU B 38 -37.63 7.12 51.77
N TYR B 39 -37.28 6.01 51.12
CA TYR B 39 -35.97 5.97 50.44
C TYR B 39 -35.79 7.18 49.54
N ALA B 40 -36.82 7.53 48.77
CA ALA B 40 -36.77 8.72 47.91
C ALA B 40 -36.38 9.94 48.71
N LYS B 41 -36.97 10.09 49.90
CA LYS B 41 -36.76 11.26 50.71
C LYS B 41 -35.41 11.23 51.39
N ALA B 42 -34.92 10.02 51.69
CA ALA B 42 -33.58 9.91 52.29
C ALA B 42 -32.56 10.37 51.27
N ALA B 43 -32.72 9.89 50.01
CA ALA B 43 -31.84 10.24 48.89
C ALA B 43 -31.78 11.74 48.74
N VAL B 44 -32.95 12.38 48.69
CA VAL B 44 -33.00 13.83 48.52
C VAL B 44 -32.28 14.53 49.65
N ALA B 45 -32.32 13.96 50.84
CA ALA B 45 -31.70 14.64 51.98
C ALA B 45 -30.19 14.49 51.92
N PHE B 46 -29.72 13.26 51.75
CA PHE B 46 -28.30 12.98 51.53
C PHE B 46 -27.69 13.85 50.42
N LYS B 47 -28.42 14.00 49.32
CA LYS B 47 -27.96 14.77 48.16
C LYS B 47 -27.79 16.21 48.54
N ASN B 48 -28.79 16.80 49.19
CA ASN B 48 -28.67 18.19 49.67
C ASN B 48 -27.57 18.36 50.68
N ALA B 49 -27.27 17.29 51.42
CA ALA B 49 -26.16 17.31 52.40
C ALA B 49 -24.80 17.04 51.72
N LYS B 50 -24.82 16.79 50.41
CA LYS B 50 -23.62 16.50 49.61
C LYS B 50 -23.00 15.16 50.04
N GLN B 51 -23.83 14.22 50.47
CA GLN B 51 -23.35 12.87 50.77
C GLN B 51 -23.66 11.97 49.58
N LEU B 52 -23.09 12.27 48.43
CA LEU B 52 -23.53 11.66 47.16
C LEU B 52 -23.59 10.13 47.07
N GLU B 53 -22.58 9.45 47.64
CA GLU B 53 -22.55 7.98 47.75
C GLU B 53 -23.73 7.43 48.53
N GLN B 54 -24.02 8.03 49.69
CA GLN B 54 -25.21 7.64 50.46
C GLN B 54 -26.50 7.95 49.72
N ALA B 55 -26.60 9.13 49.14
CA ALA B 55 -27.73 9.40 48.25
C ALA B 55 -27.93 8.26 47.24
N LYS B 56 -26.84 7.85 46.57
CA LYS B 56 -26.89 6.74 45.60
C LYS B 56 -27.41 5.42 46.18
N ASP B 57 -26.90 5.03 47.35
CA ASP B 57 -27.43 3.82 47.99
C ASP B 57 -28.93 3.91 48.31
N ALA B 58 -29.40 5.11 48.65
CA ALA B 58 -30.83 5.28 48.98
C ALA B 58 -31.67 5.17 47.74
N TYR B 59 -31.19 5.73 46.64
CA TYR B 59 -31.89 5.59 45.35
C TYR B 59 -31.96 4.14 44.93
N LEU B 60 -30.93 3.35 45.25
CA LEU B 60 -31.00 1.91 44.91
C LEU B 60 -32.15 1.23 45.72
N GLN B 61 -32.18 1.46 47.03
CA GLN B 61 -33.28 0.94 47.84
C GLN B 61 -34.67 1.42 47.31
N GLU B 62 -34.75 2.70 46.95
CA GLU B 62 -35.97 3.17 46.38
C GLU B 62 -36.31 2.34 45.16
N ALA B 63 -35.31 2.12 44.26
CA ALA B 63 -35.58 1.41 43.03
C ALA B 63 -36.11 0.03 43.34
N GLU B 64 -35.44 -0.66 44.26
CA GLU B 64 -35.89 -1.97 44.72
C GLU B 64 -37.34 -1.95 45.17
N ALA B 65 -37.68 -0.94 46.01
CA ALA B 65 -39.00 -0.88 46.59
C ALA B 65 -40.01 -0.64 45.50
N HIS B 66 -39.78 0.32 44.59
CA HIS B 66 -40.71 0.42 43.48
C HIS B 66 -40.85 -0.87 42.63
N ALA B 67 -39.73 -1.55 42.36
CA ALA B 67 -39.81 -2.75 41.51
C ALA B 67 -40.68 -3.77 42.22
N ASN B 68 -40.43 -3.99 43.52
CA ASN B 68 -41.33 -4.82 44.34
C ASN B 68 -42.82 -4.41 44.46
N ASN B 69 -43.08 -3.15 44.27
CA ASN B 69 -44.42 -2.70 44.15
C ASN B 69 -45.02 -2.74 42.74
N ARG B 70 -44.32 -3.40 41.81
CA ARG B 70 -44.66 -3.41 40.36
C ARG B 70 -44.82 -2.02 39.85
N SER B 71 -43.97 -1.15 40.31
CA SER B 71 -44.07 0.18 39.80
C SER B 71 -42.84 0.43 38.94
N LEU B 72 -42.88 -0.06 37.69
CA LEU B 72 -41.66 -0.20 36.92
C LEU B 72 -41.11 1.13 36.47
N PHE B 73 -41.98 2.06 36.07
CA PHE B 73 -41.48 3.35 35.58
C PHE B 73 -40.66 4.07 36.66
N HIS B 74 -41.15 4.04 37.91
CA HIS B 74 -40.52 4.75 39.01
C HIS B 74 -39.26 4.02 39.42
N ALA B 75 -39.26 2.70 39.32
CA ALA B 75 -38.02 1.94 39.55
C ALA B 75 -36.94 2.40 38.55
N ALA B 76 -37.32 2.50 37.29
CA ALA B 76 -36.38 2.98 36.32
C ALA B 76 -35.86 4.37 36.65
N LYS B 77 -36.77 5.30 36.90
CA LYS B 77 -36.39 6.66 37.30
C LYS B 77 -35.40 6.65 38.43
N ALA B 78 -35.54 5.69 39.34
CA ALA B 78 -34.71 5.70 40.53
C ALA B 78 -33.31 5.14 40.30
N PHE B 79 -33.19 4.11 39.48
CA PHE B 79 -31.89 3.69 38.97
C PHE B 79 -31.14 4.79 38.21
N GLU B 80 -31.83 5.48 37.31
CA GLU B 80 -31.23 6.60 36.60
C GLU B 80 -30.73 7.63 37.58
N GLN B 81 -31.42 7.85 38.72
CA GLN B 81 -30.90 8.81 39.67
C GLN B 81 -29.66 8.27 40.33
N ALA B 82 -29.64 6.97 40.65
CA ALA B 82 -28.43 6.37 41.24
C ALA B 82 -27.24 6.55 40.28
N GLY B 83 -27.48 6.34 38.99
CA GLY B 83 -26.46 6.55 37.98
C GLY B 83 -26.00 7.97 37.98
N MSE B 84 -26.95 8.89 37.95
CA MSE B 84 -26.67 10.30 37.98
C MSE B 84 -25.76 10.71 39.17
O MSE B 84 -24.91 11.61 39.03
CB MSE B 84 -28.00 11.04 38.02
CG MSE B 84 -27.93 12.51 37.74
SE MSE B 84 -27.24 12.78 35.95
CE MSE B 84 -28.67 11.87 34.89
N MSE B 85 -25.95 10.05 40.31
CA MSE B 85 -25.10 10.29 41.49
C MSE B 85 -23.67 9.81 41.20
O MSE B 85 -22.70 10.53 41.47
CB MSE B 85 -25.66 9.56 42.73
CG MSE B 85 -26.99 10.10 43.28
SE MSE B 85 -26.85 12.01 43.71
CE MSE B 85 -27.74 12.77 42.18
N LEU B 86 -23.56 8.61 40.63
CA LEU B 86 -22.26 8.04 40.29
C LEU B 86 -21.51 8.87 39.26
N LYS B 87 -22.22 9.37 38.24
CA LYS B 87 -21.63 10.34 37.30
C LYS B 87 -21.05 11.53 38.04
N ASP B 88 -21.85 12.11 38.94
CA ASP B 88 -21.45 13.30 39.68
C ASP B 88 -20.29 13.03 40.61
N LEU B 89 -20.08 11.77 40.93
CA LEU B 89 -18.96 11.36 41.78
C LEU B 89 -17.71 11.01 40.97
N GLN B 90 -17.75 11.25 39.65
CA GLN B 90 -16.69 10.85 38.73
C GLN B 90 -16.51 9.34 38.68
N ARG B 91 -17.61 8.61 38.80
CA ARG B 91 -17.57 7.17 38.75
C ARG B 91 -18.56 6.66 37.71
N MSE B 92 -18.60 7.32 36.56
CA MSE B 92 -19.52 7.01 35.46
C MSE B 92 -19.49 5.53 35.02
O MSE B 92 -20.55 4.98 34.73
CB MSE B 92 -19.25 7.97 34.27
CG MSE B 92 -20.14 7.81 33.04
SE MSE B 92 -22.01 7.94 33.41
CE MSE B 92 -22.76 7.71 31.74
N PRO B 93 -18.30 4.90 34.92
CA PRO B 93 -18.33 3.45 34.67
C PRO B 93 -19.31 2.70 35.59
N GLU B 94 -19.27 2.99 36.88
CA GLU B 94 -20.12 2.25 37.77
C GLU B 94 -21.58 2.56 37.63
N ALA B 95 -21.92 3.61 36.89
CA ALA B 95 -23.33 3.94 36.68
C ALA B 95 -23.97 3.00 35.67
N VAL B 96 -23.14 2.47 34.75
CA VAL B 96 -23.65 1.77 33.60
C VAL B 96 -24.65 0.69 33.99
N GLN B 97 -24.23 -0.19 34.88
CA GLN B 97 -25.09 -1.28 35.32
C GLN B 97 -26.47 -0.81 35.82
N TYR B 98 -26.56 0.37 36.44
CA TYR B 98 -27.87 0.86 36.86
C TYR B 98 -28.69 1.38 35.71
N ILE B 99 -27.99 1.86 34.68
CA ILE B 99 -28.66 2.34 33.51
C ILE B 99 -29.22 1.10 32.88
N GLU B 100 -28.47 0.00 33.00
CA GLU B 100 -28.88 -1.27 32.44
C GLU B 100 -30.12 -1.82 33.16
N LYS B 101 -30.15 -1.69 34.49
CA LYS B 101 -31.29 -2.15 35.28
C LYS B 101 -32.51 -1.27 34.94
N ALA B 102 -32.27 0.03 34.79
CA ALA B 102 -33.31 0.98 34.32
C ALA B 102 -33.91 0.54 33.01
N SER B 103 -33.04 0.09 32.08
CA SER B 103 -33.57 -0.19 30.75
C SER B 103 -34.42 -1.43 30.88
N VAL B 104 -34.02 -2.35 31.74
CA VAL B 104 -34.81 -3.58 31.87
C VAL B 104 -36.21 -3.22 32.38
N MSE B 105 -36.25 -2.31 33.37
CA MSE B 105 -37.55 -1.83 33.93
C MSE B 105 -38.33 -1.11 32.82
O MSE B 105 -39.53 -1.33 32.66
CB MSE B 105 -37.37 -0.91 35.14
CG MSE B 105 -36.63 -1.48 36.31
SE MSE B 105 -37.68 -2.81 37.14
CE MSE B 105 -36.54 -3.12 38.62
N TYR B 106 -37.64 -0.28 32.04
CA TYR B 106 -38.35 0.39 30.98
C TYR B 106 -39.00 -0.57 29.94
N VAL B 107 -38.28 -1.61 29.45
CA VAL B 107 -38.96 -2.53 28.52
C VAL B 107 -40.09 -3.27 29.25
N GLU B 108 -39.82 -3.72 30.45
CA GLU B 108 -40.84 -4.42 31.18
C GLU B 108 -42.04 -3.48 31.47
N ASN B 109 -41.81 -2.16 31.51
CA ASN B 109 -42.87 -1.16 31.76
C ASN B 109 -43.67 -0.88 30.48
N GLY B 110 -43.12 -1.36 29.35
CA GLY B 110 -43.75 -1.16 28.06
C GLY B 110 -43.37 0.17 27.45
N THR B 111 -42.23 0.76 27.86
CA THR B 111 -41.71 1.97 27.15
C THR B 111 -40.27 1.72 26.58
N PRO B 112 -40.17 0.78 25.63
CA PRO B 112 -38.82 0.36 25.17
C PRO B 112 -38.01 1.44 24.46
N ASP B 113 -38.66 2.36 23.74
CA ASP B 113 -38.00 3.60 23.26
C ASP B 113 -37.12 4.24 24.32
N THR B 114 -37.71 4.52 25.48
CA THR B 114 -36.98 5.18 26.56
C THR B 114 -35.79 4.36 27.06
N ALA B 115 -35.99 3.04 27.03
CA ALA B 115 -34.92 2.13 27.37
C ALA B 115 -33.76 2.29 26.39
N ALA B 116 -34.09 2.29 25.11
CA ALA B 116 -33.06 2.42 24.10
C ALA B 116 -32.32 3.76 24.21
N MSE B 117 -33.05 4.84 24.52
CA MSE B 117 -32.43 6.14 24.49
CA MSE B 117 -32.46 6.18 24.53
C MSE B 117 -31.50 6.34 25.67
O MSE B 117 -30.57 7.12 25.61
CB MSE B 117 -33.50 7.22 24.38
CB MSE B 117 -33.50 7.30 24.62
CG MSE B 117 -34.19 7.10 23.01
CG MSE B 117 -34.56 7.26 23.57
SE MSE B 117 -33.55 8.40 21.69
SE MSE B 117 -34.79 8.95 22.60
CE MSE B 117 -33.87 10.14 23.17
CE MSE B 117 -32.91 8.93 21.46
N ALA B 118 -31.74 5.57 26.71
CA ALA B 118 -30.97 5.75 27.92
C ALA B 118 -29.66 4.99 27.73
N LEU B 119 -29.76 3.86 27.06
CA LEU B 119 -28.57 3.14 26.63
C LEU B 119 -27.73 3.93 25.61
N ASP B 120 -28.38 4.45 24.56
CA ASP B 120 -27.71 5.31 23.60
C ASP B 120 -27.00 6.41 24.35
N ARG B 121 -27.73 7.09 25.22
CA ARG B 121 -27.21 8.28 25.85
C ARG B 121 -25.98 7.96 26.70
N ALA B 122 -26.01 6.81 27.35
CA ALA B 122 -24.92 6.41 28.21
C ALA B 122 -23.72 5.90 27.37
N GLY B 123 -23.99 5.24 26.24
CA GLY B 123 -22.94 4.95 25.26
C GLY B 123 -22.10 6.18 25.00
N LYS B 124 -22.77 7.27 24.59
CA LYS B 124 -22.09 8.50 24.15
C LYS B 124 -21.17 9.04 25.19
N LEU B 125 -21.55 8.87 26.43
CA LEU B 125 -20.78 9.43 27.52
C LEU B 125 -19.71 8.48 27.99
N MSE B 126 -19.73 7.29 27.43
CA MSE B 126 -18.75 6.27 27.72
C MSE B 126 -17.62 6.25 26.65
O MSE B 126 -16.52 5.80 26.95
CB MSE B 126 -19.49 4.93 27.76
CG MSE B 126 -19.14 3.96 28.83
SE MSE B 126 -18.85 4.65 30.57
CE MSE B 126 -17.71 3.34 31.23
N GLU B 127 -17.91 6.77 25.44
CA GLU B 127 -16.90 6.86 24.37
C GLU B 127 -15.55 7.41 24.87
N PRO B 128 -15.53 8.60 25.52
CA PRO B 128 -14.26 9.17 25.99
C PRO B 128 -13.61 8.40 27.11
N LEU B 129 -14.15 7.26 27.47
CA LEU B 129 -13.69 6.62 28.70
C LEU B 129 -13.35 5.15 28.54
N ASP B 130 -14.12 4.45 27.72
CA ASP B 130 -13.88 3.07 27.44
C ASP B 130 -14.74 2.74 26.22
N LEU B 131 -14.10 2.67 25.06
CA LEU B 131 -14.82 2.37 23.83
C LEU B 131 -15.45 0.98 23.81
N SER B 132 -14.92 -0.02 24.52
CA SER B 132 -15.56 -1.35 24.45
C SER B 132 -16.92 -1.30 25.14
N LYS B 133 -17.00 -0.61 26.26
CA LYS B 133 -18.27 -0.51 26.94
C LYS B 133 -19.21 0.36 26.12
N ALA B 134 -18.68 1.43 25.54
CA ALA B 134 -19.51 2.23 24.66
C ALA B 134 -20.12 1.37 23.57
N VAL B 135 -19.32 0.48 22.96
CA VAL B 135 -19.81 -0.38 21.88
C VAL B 135 -20.89 -1.27 22.40
N HIS B 136 -20.62 -1.91 23.52
CA HIS B 136 -21.61 -2.75 24.20
C HIS B 136 -23.00 -2.03 24.53
N LEU B 137 -22.94 -0.88 25.14
CA LEU B 137 -24.17 -0.10 25.31
C LEU B 137 -24.93 0.10 24.00
N TYR B 138 -24.21 0.45 22.94
CA TYR B 138 -24.89 0.71 21.67
C TYR B 138 -25.52 -0.56 21.12
N GLN B 139 -24.87 -1.70 21.30
CA GLN B 139 -25.46 -2.96 20.88
C GLN B 139 -26.71 -3.28 21.69
N GLN B 140 -26.65 -3.07 23.01
CA GLN B 140 -27.82 -3.24 23.87
C GLN B 140 -28.98 -2.34 23.39
N ALA B 141 -28.68 -1.06 23.12
CA ALA B 141 -29.69 -0.15 22.57
C ALA B 141 -30.32 -0.71 21.30
N ALA B 142 -29.47 -1.20 20.39
CA ALA B 142 -29.93 -1.75 19.13
C ALA B 142 -30.83 -2.95 19.33
N ALA B 143 -30.43 -3.88 20.20
CA ALA B 143 -31.27 -5.04 20.51
C ALA B 143 -32.68 -4.61 21.02
N VAL B 144 -32.71 -3.61 21.92
CA VAL B 144 -33.99 -3.04 22.33
C VAL B 144 -34.76 -2.50 21.10
N PHE B 145 -34.14 -1.67 20.27
CA PHE B 145 -34.90 -1.10 19.15
C PHE B 145 -35.39 -2.17 18.19
N GLU B 146 -34.59 -3.23 18.03
CA GLU B 146 -34.96 -4.37 17.23
C GLU B 146 -36.17 -5.10 17.79
N ASN B 147 -36.20 -5.34 19.10
CA ASN B 147 -37.34 -6.04 19.68
C ASN B 147 -38.65 -5.32 19.49
N GLU B 148 -38.69 -4.02 19.71
CA GLU B 148 -39.93 -3.28 19.38
C GLU B 148 -39.99 -2.99 17.86
N GLU B 149 -39.20 -3.73 17.10
CA GLU B 149 -39.26 -3.66 15.63
C GLU B 149 -39.08 -2.24 15.05
N ARG B 150 -38.11 -1.52 15.57
CA ARG B 150 -37.80 -0.21 15.04
C ARG B 150 -36.47 -0.38 14.32
N LEU B 151 -36.57 -0.79 13.07
CA LEU B 151 -35.40 -1.24 12.34
C LEU B 151 -34.41 -0.16 11.89
N ARG B 152 -34.91 0.99 11.40
CA ARG B 152 -34.02 2.12 11.12
C ARG B 152 -33.16 2.41 12.36
N GLN B 153 -33.83 2.58 13.50
CA GLN B 153 -33.17 2.87 14.78
C GLN B 153 -32.12 1.82 15.18
N ALA B 154 -32.48 0.55 15.02
CA ALA B 154 -31.56 -0.50 15.42
C ALA B 154 -30.30 -0.43 14.53
N ALA B 155 -30.51 -0.45 13.20
CA ALA B 155 -29.40 -0.36 12.24
C ALA B 155 -28.53 0.84 12.52
N GLU B 156 -29.16 1.96 12.84
CA GLU B 156 -28.40 3.15 13.06
C GLU B 156 -27.43 2.93 14.20
N LEU B 157 -27.89 2.29 15.28
CA LEU B 157 -27.05 2.00 16.45
C LEU B 157 -25.92 0.97 16.13
N ILE B 158 -26.23 -0.01 15.28
CA ILE B 158 -25.21 -0.94 14.90
C ILE B 158 -24.12 -0.19 14.12
N GLY B 159 -24.56 0.75 13.28
CA GLY B 159 -23.68 1.75 12.72
C GLY B 159 -22.72 2.37 13.71
N LYS B 160 -23.18 2.73 14.89
CA LYS B 160 -22.30 3.40 15.81
C LYS B 160 -21.33 2.41 16.37
N ALA B 161 -21.78 1.18 16.51
CA ALA B 161 -20.88 0.17 17.01
C ALA B 161 -19.80 -0.19 15.94
N SER B 162 -20.24 -0.39 14.68
CA SER B 162 -19.32 -0.63 13.54
C SER B 162 -18.19 0.42 13.60
N ARG B 163 -18.59 1.70 13.68
CA ARG B 163 -17.63 2.82 13.63
C ARG B 163 -16.60 2.77 14.73
N LEU B 164 -17.03 2.32 15.89
CA LEU B 164 -16.19 2.40 17.05
C LEU B 164 -15.30 1.19 17.11
N LEU B 165 -15.83 0.06 16.69
CA LEU B 165 -15.00 -1.13 16.46
C LEU B 165 -13.80 -0.83 15.55
N VAL B 166 -14.06 -0.16 14.42
CA VAL B 166 -12.99 0.24 13.52
C VAL B 166 -12.03 1.14 14.30
N ARG B 167 -12.59 2.08 15.06
CA ARG B 167 -11.74 2.99 15.79
C ARG B 167 -10.84 2.26 16.78
N GLN B 168 -11.37 1.19 17.38
CA GLN B 168 -10.62 0.36 18.31
C GLN B 168 -9.67 -0.60 17.58
N GLN B 169 -9.81 -0.67 16.25
CA GLN B 169 -9.01 -1.61 15.45
C GLN B 169 -9.39 -3.05 15.79
N LYS B 170 -10.67 -3.28 16.09
CA LYS B 170 -11.14 -4.65 16.23
C LYS B 170 -11.82 -5.02 14.95
N PHE B 171 -11.01 -5.38 13.94
CA PHE B 171 -11.48 -5.49 12.56
C PHE B 171 -12.36 -6.68 12.32
N ASP B 172 -12.07 -7.81 12.93
CA ASP B 172 -12.95 -8.97 12.78
C ASP B 172 -14.35 -8.53 13.27
N GLU B 173 -14.41 -7.87 14.43
CA GLU B 173 -15.69 -7.48 14.98
C GLU B 173 -16.34 -6.44 14.08
N ALA B 174 -15.55 -5.45 13.66
CA ALA B 174 -16.06 -4.43 12.77
C ALA B 174 -16.69 -5.05 11.57
N ALA B 175 -16.05 -6.08 11.04
CA ALA B 175 -16.56 -6.78 9.88
C ALA B 175 -17.89 -7.45 10.17
N ALA B 176 -18.00 -8.13 11.31
CA ALA B 176 -19.25 -8.84 11.61
C ALA B 176 -20.40 -7.80 11.75
N SER B 177 -20.06 -6.65 12.31
CA SER B 177 -21.01 -5.59 12.59
C SER B 177 -21.52 -4.92 11.30
N LEU B 178 -20.60 -4.68 10.35
CA LEU B 178 -20.98 -4.21 9.02
C LEU B 178 -21.82 -5.23 8.25
N GLN B 179 -21.55 -6.52 8.40
CA GLN B 179 -22.37 -7.52 7.67
C GLN B 179 -23.82 -7.36 8.14
N LYS B 180 -23.96 -7.19 9.46
CA LYS B 180 -25.25 -7.16 10.09
C LYS B 180 -25.95 -5.87 9.64
N GLU B 181 -25.26 -4.74 9.69
CA GLU B 181 -25.85 -3.50 9.17
C GLU B 181 -26.39 -3.74 7.75
N LYS B 182 -25.51 -4.21 6.84
CA LYS B 182 -25.88 -4.47 5.49
C LYS B 182 -27.10 -5.35 5.36
N SER B 183 -27.20 -6.45 6.10
CA SER B 183 -28.43 -7.27 5.99
C SER B 183 -29.70 -6.47 6.34
N MSE B 184 -29.60 -5.66 7.39
CA MSE B 184 -30.72 -4.86 7.84
C MSE B 184 -31.15 -3.85 6.77
O MSE B 184 -32.36 -3.78 6.42
CB MSE B 184 -30.39 -4.20 9.18
CG MSE B 184 -30.19 -5.17 10.32
SE MSE B 184 -29.33 -4.31 11.84
CE MSE B 184 -30.89 -3.96 12.85
N TYR B 185 -30.21 -3.09 6.22
CA TYR B 185 -30.61 -2.18 5.12
C TYR B 185 -31.11 -2.92 3.88
N LYS B 186 -30.54 -4.10 3.64
CA LYS B 186 -31.08 -4.98 2.63
C LYS B 186 -32.56 -5.33 2.89
N GLU B 187 -32.88 -5.92 4.03
CA GLU B 187 -34.28 -6.21 4.43
C GLU B 187 -35.22 -5.01 4.32
N MSE B 188 -34.79 -3.87 4.87
CA MSE B 188 -35.50 -2.60 4.74
C MSE B 188 -35.54 -2.07 3.32
O MSE B 188 -36.23 -1.10 3.02
CB MSE B 188 -34.83 -1.53 5.60
CG MSE B 188 -35.25 -1.51 7.05
SE MSE B 188 -34.15 -0.19 8.00
CE MSE B 188 -33.98 1.22 6.47
N GLU B 189 -34.74 -2.66 2.45
CA GLU B 189 -34.66 -2.22 1.05
C GLU B 189 -34.14 -0.79 0.84
N ASN B 190 -33.20 -0.37 1.70
CA ASN B 190 -32.48 0.88 1.49
C ASN B 190 -31.12 0.64 0.78
N TYR B 191 -31.24 0.43 -0.52
CA TYR B 191 -30.17 -0.03 -1.37
C TYR B 191 -28.98 0.95 -1.46
N PRO B 192 -29.26 2.26 -1.69
CA PRO B 192 -28.15 3.24 -1.61
C PRO B 192 -27.30 3.10 -0.34
N THR B 193 -27.91 2.76 0.80
CA THR B 193 -27.16 2.60 2.03
C THR B 193 -26.36 1.29 2.09
N CYS B 194 -26.93 0.21 1.57
CA CYS B 194 -26.12 -0.97 1.38
C CYS B 194 -24.80 -0.68 0.62
N TYR B 195 -24.84 0.03 -0.49
CA TYR B 195 -23.59 0.21 -1.28
C TYR B 195 -22.52 0.78 -0.39
N LYS B 196 -22.93 1.73 0.44
CA LYS B 196 -22.02 2.39 1.34
C LYS B 196 -21.46 1.43 2.37
N LYS B 197 -22.28 0.48 2.83
CA LYS B 197 -21.77 -0.50 3.80
C LYS B 197 -20.70 -1.36 3.09
N CYS B 198 -20.98 -1.74 1.84
CA CYS B 198 -20.03 -2.48 1.05
C CYS B 198 -18.69 -1.77 0.95
N ILE B 199 -18.70 -0.47 0.66
CA ILE B 199 -17.45 0.27 0.67
C ILE B 199 -16.68 0.07 1.97
N ALA B 200 -17.40 0.20 3.06
CA ALA B 200 -16.84 0.13 4.37
C ALA B 200 -16.30 -1.25 4.65
N GLN B 201 -17.07 -2.27 4.31
CA GLN B 201 -16.63 -3.65 4.39
C GLN B 201 -15.25 -3.80 3.67
N VAL B 202 -15.17 -3.25 2.46
CA VAL B 202 -14.00 -3.57 1.63
C VAL B 202 -12.84 -2.89 2.28
N LEU B 203 -13.11 -1.70 2.80
CA LEU B 203 -12.01 -0.96 3.41
C LEU B 203 -11.44 -1.71 4.61
N VAL B 204 -12.32 -2.35 5.39
CA VAL B 204 -11.92 -3.11 6.57
C VAL B 204 -11.11 -4.33 6.13
N GLN B 205 -11.61 -5.04 5.12
CA GLN B 205 -10.94 -6.24 4.70
C GLN B 205 -9.57 -5.94 4.07
N LEU B 206 -9.47 -4.89 3.26
CA LEU B 206 -8.14 -4.54 2.75
C LEU B 206 -7.24 -4.19 3.89
N HIS B 207 -7.77 -3.58 4.93
CA HIS B 207 -6.93 -3.25 6.03
C HIS B 207 -6.40 -4.48 6.74
N ARG B 208 -7.24 -5.49 6.95
CA ARG B 208 -6.76 -6.80 7.44
C ARG B 208 -5.77 -7.48 6.41
N ALA B 209 -5.58 -6.89 5.24
CA ALA B 209 -4.86 -7.57 4.13
C ALA B 209 -5.51 -8.92 3.82
N ASP B 210 -6.84 -8.94 3.84
CA ASP B 210 -7.58 -10.11 3.44
C ASP B 210 -8.26 -9.77 2.14
N TYR B 211 -7.46 -9.71 1.08
CA TYR B 211 -7.97 -9.41 -0.26
C TYR B 211 -9.13 -10.30 -0.71
N VAL B 212 -9.06 -11.60 -0.42
CA VAL B 212 -10.17 -12.50 -0.76
C VAL B 212 -11.55 -12.11 -0.10
N ALA B 213 -11.55 -11.86 1.21
CA ALA B 213 -12.73 -11.40 1.89
C ALA B 213 -13.22 -10.11 1.25
N ALA B 214 -12.28 -9.23 0.92
CA ALA B 214 -12.63 -7.99 0.26
C ALA B 214 -13.36 -8.22 -1.04
N GLN B 215 -12.93 -9.19 -1.82
CA GLN B 215 -13.54 -9.27 -3.11
C GLN B 215 -14.88 -9.97 -2.98
N LYS B 216 -14.92 -10.93 -2.08
CA LYS B 216 -16.16 -11.56 -1.66
C LYS B 216 -17.33 -10.59 -1.28
N CYS B 217 -17.04 -9.57 -0.47
CA CYS B 217 -18.03 -8.48 -0.27
C CYS B 217 -18.63 -7.90 -1.55
N VAL B 218 -17.78 -7.52 -2.51
CA VAL B 218 -18.25 -6.93 -3.74
C VAL B 218 -19.01 -7.99 -4.51
N ARG B 219 -18.48 -9.22 -4.56
CA ARG B 219 -19.07 -10.31 -5.32
C ARG B 219 -20.47 -10.48 -4.83
N GLU B 220 -20.63 -10.43 -3.51
CA GLU B 220 -21.92 -10.65 -2.89
C GLU B 220 -22.90 -9.50 -3.16
N SER B 221 -22.38 -8.28 -3.16
CA SER B 221 -23.20 -7.13 -3.47
C SER B 221 -23.81 -7.08 -4.89
N TYR B 222 -23.26 -7.79 -5.87
CA TYR B 222 -23.81 -7.69 -7.24
C TYR B 222 -25.29 -8.06 -7.24
N SER B 223 -25.70 -8.83 -6.25
CA SER B 223 -27.08 -9.27 -6.25
C SER B 223 -28.01 -8.27 -5.52
N ILE B 224 -27.43 -7.30 -4.81
CA ILE B 224 -28.19 -6.17 -4.34
C ILE B 224 -28.63 -5.23 -5.48
N PRO B 225 -29.95 -5.06 -5.65
CA PRO B 225 -30.47 -4.29 -6.78
C PRO B 225 -29.83 -2.90 -6.86
N GLY B 226 -29.36 -2.51 -8.05
CA GLY B 226 -28.76 -1.21 -8.27
C GLY B 226 -27.30 -1.10 -7.90
N PHE B 227 -26.75 -2.03 -7.12
CA PHE B 227 -25.31 -2.00 -6.87
C PHE B 227 -24.40 -2.11 -8.15
N SER B 228 -24.71 -3.00 -9.10
CA SER B 228 -23.72 -3.21 -10.23
C SER B 228 -23.48 -1.92 -11.03
N GLY B 229 -24.53 -1.08 -11.18
CA GLY B 229 -24.44 0.10 -12.02
C GLY B 229 -24.07 1.36 -11.28
N SER B 230 -23.78 1.23 -9.98
CA SER B 230 -23.61 2.38 -9.16
C SER B 230 -22.19 2.89 -9.17
N GLU B 231 -21.97 4.20 -8.96
CA GLU B 231 -20.61 4.70 -8.76
C GLU B 231 -19.86 3.89 -7.71
N ASP B 232 -20.56 3.50 -6.64
CA ASP B 232 -19.90 2.88 -5.48
C ASP B 232 -19.24 1.60 -5.95
N CYS B 233 -19.97 0.89 -6.78
CA CYS B 233 -19.44 -0.31 -7.29
C CYS B 233 -18.25 -0.04 -8.25
N ALA B 234 -18.37 0.94 -9.13
CA ALA B 234 -17.23 1.29 -9.96
C ALA B 234 -15.98 1.56 -9.10
N ALA B 235 -16.16 2.29 -8.00
CA ALA B 235 -15.01 2.73 -7.24
C ALA B 235 -14.36 1.55 -6.57
N LEU B 236 -15.19 0.61 -6.09
CA LEU B 236 -14.64 -0.53 -5.39
C LEU B 236 -13.91 -1.48 -6.37
N GLU B 237 -14.44 -1.59 -7.57
CA GLU B 237 -13.77 -2.38 -8.60
C GLU B 237 -12.42 -1.79 -8.91
N ASP B 238 -12.34 -0.46 -9.11
CA ASP B 238 -11.07 0.23 -9.31
C ASP B 238 -10.15 0.03 -8.12
N LEU B 239 -10.71 -0.01 -6.92
CA LEU B 239 -9.87 -0.13 -5.72
C LEU B 239 -9.25 -1.53 -5.69
N LEU B 240 -10.08 -2.54 -5.88
CA LEU B 240 -9.63 -3.90 -5.88
C LEU B 240 -8.60 -4.09 -6.97
N GLN B 241 -8.87 -3.59 -8.17
CA GLN B 241 -7.92 -3.71 -9.25
C GLN B 241 -6.59 -3.11 -8.85
N ALA B 242 -6.63 -1.92 -8.26
CA ALA B 242 -5.43 -1.20 -7.94
C ALA B 242 -4.66 -2.00 -6.92
N TYR B 243 -5.33 -2.57 -5.96
CA TYR B 243 -4.68 -3.39 -4.95
C TYR B 243 -4.03 -4.64 -5.58
N ASP B 244 -4.71 -5.24 -6.55
CA ASP B 244 -4.29 -6.49 -7.11
C ASP B 244 -3.08 -6.21 -7.97
N GLU B 245 -3.19 -5.26 -8.89
CA GLU B 245 -2.05 -4.86 -9.74
C GLU B 245 -0.97 -4.07 -8.99
N GLN B 246 -1.20 -3.74 -7.73
CA GLN B 246 -0.19 -3.02 -6.94
C GLN B 246 0.13 -1.62 -7.51
N ASP B 247 -0.90 -0.95 -8.04
CA ASP B 247 -0.82 0.41 -8.54
C ASP B 247 -1.04 1.48 -7.44
N GLU B 248 0.04 1.91 -6.77
CA GLU B 248 -0.07 2.86 -5.66
C GLU B 248 -0.88 4.12 -5.96
N GLU B 249 -0.56 4.75 -7.10
CA GLU B 249 -1.18 6.00 -7.55
C GLU B 249 -2.71 5.89 -7.62
N GLN B 250 -3.17 4.80 -8.23
CA GLN B 250 -4.58 4.55 -8.35
C GLN B 250 -5.24 4.25 -7.02
N LEU B 251 -4.55 3.50 -6.15
CA LEU B 251 -5.16 3.17 -4.88
C LEU B 251 -5.33 4.44 -4.03
N LEU B 252 -4.29 5.28 -4.03
CA LEU B 252 -4.34 6.52 -3.30
C LEU B 252 -5.40 7.46 -3.86
N ARG B 253 -5.55 7.48 -5.17
CA ARG B 253 -6.58 8.31 -5.82
C ARG B 253 -7.98 7.90 -5.41
N VAL B 254 -8.25 6.60 -5.42
CA VAL B 254 -9.61 6.14 -5.16
C VAL B 254 -9.98 6.38 -3.70
N CYS B 255 -9.05 6.08 -2.80
CA CYS B 255 -9.21 6.33 -1.38
C CYS B 255 -9.41 7.82 -1.05
N ARG B 256 -9.13 8.70 -2.01
CA ARG B 256 -9.18 10.12 -1.77
C ARG B 256 -10.25 10.81 -2.61
N SER B 257 -11.08 10.00 -3.28
CA SER B 257 -12.22 10.49 -4.04
C SER B 257 -13.44 10.66 -3.15
N PRO B 258 -14.33 11.63 -3.48
CA PRO B 258 -15.48 12.07 -2.68
C PRO B 258 -16.33 10.91 -2.14
N LEU B 259 -16.57 9.93 -2.99
CA LEU B 259 -17.30 8.78 -2.55
C LEU B 259 -16.76 8.18 -1.29
N VAL B 260 -15.44 8.11 -1.21
CA VAL B 260 -14.79 7.57 -0.03
C VAL B 260 -14.61 8.59 1.09
N THR B 261 -14.12 9.78 0.78
CA THR B 261 -13.79 10.74 1.85
C THR B 261 -15.03 11.30 2.56
N TYR B 262 -16.19 11.16 1.95
CA TYR B 262 -17.44 11.59 2.58
C TYR B 262 -18.12 10.41 3.27
N MSE B 263 -17.42 9.28 3.43
CA MSE B 263 -17.88 8.26 4.34
C MSE B 263 -17.81 8.80 5.77
O MSE B 263 -17.23 9.87 6.03
CB MSE B 263 -16.94 7.05 4.29
CG MSE B 263 -16.84 6.23 3.00
SE MSE B 263 -18.48 5.26 2.59
CE MSE B 263 -18.32 3.73 3.81
N ASP B 264 -18.37 8.05 6.72
CA ASP B 264 -18.19 8.38 8.12
C ASP B 264 -16.72 8.44 8.48
N ASN B 265 -16.40 9.27 9.44
CA ASN B 265 -15.02 9.61 9.78
C ASN B 265 -14.08 8.40 9.90
N ASP B 266 -14.50 7.41 10.67
CA ASP B 266 -13.65 6.27 10.94
C ASP B 266 -13.28 5.47 9.69
N TYR B 267 -14.20 5.42 8.73
CA TYR B 267 -13.96 4.76 7.46
C TYR B 267 -13.11 5.61 6.52
N ALA B 268 -13.38 6.91 6.46
CA ALA B 268 -12.55 7.79 5.66
C ALA B 268 -11.08 7.72 6.13
N LYS B 269 -10.87 7.69 7.44
CA LYS B 269 -9.52 7.61 8.01
C LYS B 269 -8.84 6.29 7.60
N LEU B 270 -9.65 5.23 7.58
CA LEU B 270 -9.16 3.89 7.35
C LEU B 270 -8.71 3.80 5.91
N ALA B 271 -9.44 4.53 5.06
CA ALA B 271 -9.09 4.65 3.64
C ALA B 271 -7.78 5.43 3.44
N ILE B 272 -7.58 6.47 4.25
CA ILE B 272 -6.41 7.33 4.11
C ILE B 272 -5.11 6.55 4.31
N SER B 273 -5.16 5.58 5.22
CA SER B 273 -3.95 4.88 5.69
C SER B 273 -3.64 3.65 4.83
N LEU B 274 -4.52 3.34 3.88
CA LEU B 274 -4.40 2.12 3.11
C LEU B 274 -3.26 2.19 2.12
N LYS B 275 -2.43 1.15 2.08
CA LYS B 275 -1.32 1.11 1.12
C LYS B 275 -1.37 -0.16 0.29
N VAL B 276 -0.99 -0.02 -0.97
CA VAL B 276 -0.64 -1.12 -1.86
C VAL B 276 0.29 -2.12 -1.13
N PRO B 277 0.00 -3.44 -1.26
CA PRO B 277 0.72 -4.48 -0.47
C PRO B 277 2.23 -4.54 -0.69
N LYS C 6 -3.58 61.58 -21.45
CA LYS C 6 -4.00 60.16 -21.30
C LYS C 6 -2.88 59.25 -20.80
N ILE C 7 -1.66 59.46 -21.32
CA ILE C 7 -0.47 58.75 -20.83
C ILE C 7 -0.24 59.11 -19.36
N SER C 8 -0.41 60.39 -19.05
CA SER C 8 -0.34 60.90 -17.69
C SER C 8 -1.30 60.18 -16.74
N GLU C 9 -2.53 59.97 -17.20
CA GLU C 9 -3.54 59.28 -16.41
C GLU C 9 -3.20 57.81 -16.20
N ALA C 10 -2.64 57.20 -17.23
CA ALA C 10 -2.26 55.79 -17.19
C ALA C 10 -1.25 55.53 -16.08
N HIS C 11 -0.20 56.35 -16.02
CA HIS C 11 0.82 56.22 -14.99
C HIS C 11 0.25 56.47 -13.59
N GLU C 12 -0.74 57.36 -13.49
CA GLU C 12 -1.41 57.64 -12.22
C GLU C 12 -2.15 56.40 -11.74
N HIS C 13 -2.73 55.69 -12.68
CA HIS C 13 -3.44 54.45 -12.38
C HIS C 13 -2.49 53.32 -11.97
N ILE C 14 -1.37 53.17 -12.70
CA ILE C 14 -0.31 52.21 -12.32
C ILE C 14 0.16 52.50 -10.88
N ALA C 15 0.43 53.77 -10.61
CA ALA C 15 0.81 54.21 -9.27
C ALA C 15 -0.23 53.84 -8.22
N LYS C 16 -1.52 54.04 -8.53
CA LYS C 16 -2.61 53.68 -7.61
C LYS C 16 -2.68 52.18 -7.41
N ALA C 17 -2.60 51.45 -8.53
CA ALA C 17 -2.50 50.01 -8.50
C ALA C 17 -1.40 49.52 -7.56
N GLU C 18 -0.19 50.07 -7.71
CA GLU C 18 0.95 49.65 -6.89
C GLU C 18 0.72 49.92 -5.40
N LYS C 19 -0.02 50.98 -5.11
CA LYS C 19 -0.31 51.35 -3.74
C LYS C 19 -1.32 50.38 -3.12
N TYR C 20 -2.29 49.95 -3.93
CA TYR C 20 -3.28 48.98 -3.47
C TYR C 20 -2.66 47.62 -3.13
N LEU C 21 -1.61 47.24 -3.87
CA LEU C 21 -0.91 45.98 -3.61
C LEU C 21 0.04 46.09 -2.42
N LYS C 22 0.47 47.30 -2.09
CA LYS C 22 1.30 47.53 -0.90
C LYS C 22 0.58 47.13 0.37
N THR C 23 1.39 46.62 1.29
CA THR C 23 0.89 45.82 2.39
C THR C 23 1.35 46.44 3.69
N SER C 24 0.60 46.16 4.76
CA SER C 24 0.88 46.79 6.05
C SER C 24 0.81 45.79 7.18
N PHE C 25 1.78 45.88 8.08
CA PHE C 25 1.95 44.95 9.19
C PHE C 25 0.78 45.04 10.19
N MSE C 26 -0.27 45.77 9.80
CA MSE C 26 -1.52 45.85 10.55
C MSE C 26 -2.74 45.71 9.63
O MSE C 26 -3.83 45.36 10.08
CB MSE C 26 -1.61 47.15 11.37
CG MSE C 26 -0.57 47.28 12.50
SE MSE C 26 -0.68 45.91 13.90
CE MSE C 26 0.35 46.83 15.38
N LYS C 27 -2.56 45.99 8.33
CA LYS C 27 -3.53 45.62 7.29
C LYS C 27 -2.82 44.85 6.15
N TRP C 28 -2.90 43.53 6.23
CA TRP C 28 -1.87 42.60 5.71
C TRP C 28 -2.08 41.98 4.34
N LYS C 29 -3.32 41.65 4.00
CA LYS C 29 -3.62 41.09 2.68
C LYS C 29 -3.76 42.20 1.64
N PRO C 30 -3.01 42.13 0.51
CA PRO C 30 -3.13 43.17 -0.50
C PRO C 30 -4.56 43.33 -1.02
N ASP C 31 -4.93 44.54 -1.44
CA ASP C 31 -6.27 44.78 -1.95
C ASP C 31 -6.30 44.42 -3.43
N TYR C 32 -6.37 43.12 -3.73
CA TYR C 32 -6.30 42.63 -5.11
C TYR C 32 -7.42 43.17 -5.98
N ASP C 33 -8.63 43.22 -5.44
CA ASP C 33 -9.78 43.70 -6.18
C ASP C 33 -9.60 45.13 -6.70
N SER C 34 -9.14 46.03 -5.83
CA SER C 34 -8.96 47.42 -6.20
C SER C 34 -7.79 47.60 -7.16
N ALA C 35 -6.71 46.86 -6.91
CA ALA C 35 -5.55 46.86 -7.81
C ALA C 35 -5.97 46.46 -9.23
N ALA C 36 -6.86 45.47 -9.33
CA ALA C 36 -7.35 45.03 -10.63
C ALA C 36 -8.09 46.14 -11.37
N SER C 37 -8.99 46.83 -10.65
CA SER C 37 -9.75 47.93 -11.23
C SER C 37 -8.84 49.00 -11.80
N GLU C 38 -7.78 49.32 -11.05
CA GLU C 38 -6.83 50.34 -11.45
C GLU C 38 -6.02 49.88 -12.66
N TYR C 39 -5.55 48.64 -12.65
CA TYR C 39 -4.81 48.12 -13.78
C TYR C 39 -5.69 48.12 -15.04
N ALA C 40 -6.98 47.79 -14.87
CA ALA C 40 -7.94 47.86 -15.96
C ALA C 40 -8.01 49.26 -16.55
N LYS C 41 -8.02 50.26 -15.69
CA LYS C 41 -8.12 51.65 -16.12
C LYS C 41 -6.84 52.15 -16.77
N ALA C 42 -5.69 51.71 -16.26
CA ALA C 42 -4.40 52.00 -16.87
C ALA C 42 -4.37 51.47 -18.30
N ALA C 43 -4.85 50.23 -18.46
CA ALA C 43 -4.89 49.55 -19.74
C ALA C 43 -5.73 50.31 -20.76
N VAL C 44 -6.95 50.70 -20.36
CA VAL C 44 -7.87 51.47 -21.20
C VAL C 44 -7.26 52.82 -21.60
N ALA C 45 -6.50 53.42 -20.68
CA ALA C 45 -5.83 54.69 -20.93
C ALA C 45 -4.68 54.55 -21.93
N PHE C 46 -3.81 53.57 -21.70
CA PHE C 46 -2.71 53.28 -22.62
C PHE C 46 -3.22 52.96 -24.03
N LYS C 47 -4.32 52.20 -24.09
CA LYS C 47 -4.95 51.82 -25.34
C LYS C 47 -5.43 53.04 -26.14
N ASN C 48 -6.14 53.95 -25.47
CA ASN C 48 -6.65 55.15 -26.11
C ASN C 48 -5.52 56.07 -26.58
N ALA C 49 -4.40 56.01 -25.87
CA ALA C 49 -3.20 56.77 -26.21
C ALA C 49 -2.36 56.04 -27.26
N LYS C 50 -2.86 54.90 -27.74
CA LYS C 50 -2.20 54.09 -28.75
C LYS C 50 -0.84 53.55 -28.27
N GLN C 51 -0.70 53.32 -26.97
CA GLN C 51 0.49 52.69 -26.40
C GLN C 51 0.21 51.23 -26.14
N LEU C 52 0.01 50.49 -27.22
CA LEU C 52 -0.50 49.12 -27.16
C LEU C 52 0.33 48.16 -26.31
N GLU C 53 1.66 48.25 -26.41
CA GLU C 53 2.53 47.37 -25.62
C GLU C 53 2.34 47.59 -24.12
N GLN C 54 2.24 48.85 -23.72
CA GLN C 54 1.97 49.19 -22.33
C GLN C 54 0.56 48.79 -21.90
N ALA C 55 -0.42 48.97 -22.79
CA ALA C 55 -1.78 48.51 -22.52
C ALA C 55 -1.77 47.01 -22.20
N LYS C 56 -0.99 46.26 -22.96
CA LYS C 56 -0.83 44.82 -22.77
C LYS C 56 -0.25 44.48 -21.38
N ASP C 57 0.83 45.15 -20.99
CA ASP C 57 1.43 44.86 -19.70
C ASP C 57 0.51 45.18 -18.54
N ALA C 58 -0.33 46.19 -18.72
CA ALA C 58 -1.29 46.58 -17.71
C ALA C 58 -2.38 45.52 -17.58
N TYR C 59 -2.84 45.02 -18.72
CA TYR C 59 -3.83 43.96 -18.71
C TYR C 59 -3.30 42.69 -18.02
N LEU C 60 -2.00 42.42 -18.17
CA LEU C 60 -1.38 41.27 -17.50
C LEU C 60 -1.41 41.44 -15.99
N GLN C 61 -1.07 42.64 -15.53
CA GLN C 61 -1.17 42.95 -14.12
C GLN C 61 -2.60 42.79 -13.63
N GLU C 62 -3.58 43.24 -14.42
CA GLU C 62 -4.97 43.15 -13.96
C GLU C 62 -5.39 41.69 -13.85
N ALA C 63 -4.92 40.89 -14.79
CA ALA C 63 -5.16 39.44 -14.78
C ALA C 63 -4.60 38.81 -13.51
N GLU C 64 -3.33 39.11 -13.22
CA GLU C 64 -2.71 38.68 -11.99
C GLU C 64 -3.53 39.03 -10.76
N ALA C 65 -4.03 40.27 -10.74
CA ALA C 65 -4.76 40.78 -9.59
C ALA C 65 -6.08 40.04 -9.40
N HIS C 66 -6.84 39.90 -10.48
CA HIS C 66 -8.10 39.18 -10.44
C HIS C 66 -7.90 37.73 -9.97
N ALA C 67 -6.85 37.08 -10.46
CA ALA C 67 -6.58 35.69 -10.11
C ALA C 67 -6.30 35.57 -8.62
N ASN C 68 -5.48 36.48 -8.12
CA ASN C 68 -5.18 36.56 -6.71
C ASN C 68 -6.40 36.88 -5.86
N ASN C 69 -7.42 37.43 -6.47
CA ASN C 69 -8.68 37.73 -5.80
C ASN C 69 -9.72 36.63 -6.04
N ARG C 70 -9.25 35.46 -6.50
CA ARG C 70 -10.11 34.32 -6.83
C ARG C 70 -11.18 34.68 -7.84
N SER C 71 -10.92 35.66 -8.69
CA SER C 71 -11.92 36.10 -9.64
C SER C 71 -11.57 35.58 -11.03
N LEU C 72 -11.85 34.30 -11.27
CA LEU C 72 -11.36 33.59 -12.45
C LEU C 72 -11.87 34.15 -13.79
N PHE C 73 -13.17 34.41 -13.85
CA PHE C 73 -13.79 34.93 -15.08
C PHE C 73 -13.15 36.23 -15.54
N HIS C 74 -12.86 37.11 -14.59
CA HIS C 74 -12.31 38.42 -14.92
C HIS C 74 -10.82 38.36 -15.25
N ALA C 75 -10.10 37.45 -14.60
CA ALA C 75 -8.71 37.19 -14.96
C ALA C 75 -8.63 36.72 -16.42
N ALA C 76 -9.50 35.77 -16.77
CA ALA C 76 -9.53 35.27 -18.14
C ALA C 76 -9.79 36.42 -19.14
N LYS C 77 -10.83 37.20 -18.90
CA LYS C 77 -11.19 38.33 -19.75
C LYS C 77 -10.02 39.29 -19.98
N ALA C 78 -9.19 39.43 -18.96
CA ALA C 78 -8.05 40.33 -19.02
C ALA C 78 -6.91 39.75 -19.84
N PHE C 79 -6.65 38.45 -19.66
CA PHE C 79 -5.68 37.74 -20.49
C PHE C 79 -6.03 37.84 -21.96
N GLU C 80 -7.33 37.70 -22.26
CA GLU C 80 -7.85 37.83 -23.62
C GLU C 80 -7.63 39.23 -24.19
N GLN C 81 -7.71 40.24 -23.32
CA GLN C 81 -7.45 41.59 -23.75
C GLN C 81 -5.97 41.78 -24.06
N ALA C 82 -5.10 41.23 -23.21
CA ALA C 82 -3.65 41.26 -23.46
C ALA C 82 -3.31 40.58 -24.78
N GLY C 83 -3.98 39.47 -25.07
CA GLY C 83 -3.82 38.80 -26.35
C GLY C 83 -4.25 39.72 -27.47
N MSE C 84 -5.43 40.31 -27.30
CA MSE C 84 -6.04 41.24 -28.26
C MSE C 84 -5.08 42.37 -28.66
O MSE C 84 -5.05 42.81 -29.81
CB MSE C 84 -7.35 41.80 -27.69
CG MSE C 84 -8.18 42.69 -28.63
SE MSE C 84 -9.79 41.84 -29.41
CE MSE C 84 -10.54 40.91 -27.79
N MSE C 85 -4.30 42.83 -27.66
CA MSE C 85 -3.29 43.86 -27.86
C MSE C 85 -2.13 43.33 -28.70
O MSE C 85 -1.64 44.02 -29.61
CB MSE C 85 -2.75 44.39 -26.51
CG MSE C 85 -3.76 45.14 -25.62
SE MSE C 85 -4.56 46.77 -26.35
CE MSE C 85 -6.26 46.06 -27.04
N LEU C 86 -1.69 42.11 -28.41
CA LEU C 86 -0.58 41.50 -29.13
C LEU C 86 -0.92 41.24 -30.59
N LYS C 87 -2.15 40.81 -30.85
CA LYS C 87 -2.64 40.66 -32.21
C LYS C 87 -2.59 42.00 -32.94
N ASP C 88 -3.13 43.03 -32.29
CA ASP C 88 -3.18 44.36 -32.88
C ASP C 88 -1.80 44.95 -33.11
N LEU C 89 -0.80 44.36 -32.47
CA LEU C 89 0.58 44.80 -32.60
C LEU C 89 1.34 43.96 -33.63
N GLN C 90 0.61 43.07 -34.32
CA GLN C 90 1.18 42.09 -35.27
C GLN C 90 2.12 41.11 -34.58
N ARG C 91 1.75 40.67 -33.37
CA ARG C 91 2.53 39.70 -32.63
C ARG C 91 1.62 38.60 -32.08
N MSE C 92 0.80 38.05 -32.96
CA MSE C 92 -0.19 37.02 -32.63
C MSE C 92 0.39 35.74 -32.01
O MSE C 92 -0.20 35.20 -31.06
CB MSE C 92 -1.06 36.70 -33.86
CG MSE C 92 -2.21 35.73 -33.63
SE MSE C 92 -3.56 36.34 -32.38
CE MSE C 92 -4.48 34.70 -32.12
N PRO C 93 1.53 35.24 -32.52
CA PRO C 93 2.19 34.11 -31.84
C PRO C 93 2.34 34.31 -30.33
N GLU C 94 2.73 35.50 -29.91
CA GLU C 94 2.94 35.78 -28.49
C GLU C 94 1.64 35.83 -27.68
N ALA C 95 0.50 35.97 -28.37
CA ALA C 95 -0.79 36.02 -27.69
C ALA C 95 -1.20 34.65 -27.19
N VAL C 96 -0.80 33.62 -27.93
CA VAL C 96 -1.21 32.24 -27.67
C VAL C 96 -1.16 31.84 -26.19
N GLN C 97 0.00 32.02 -25.56
CA GLN C 97 0.18 31.65 -24.17
C GLN C 97 -0.91 32.23 -23.25
N TYR C 98 -1.28 33.49 -23.50
CA TYR C 98 -2.26 34.18 -22.67
C TYR C 98 -3.64 33.70 -22.98
N ILE C 99 -3.85 33.35 -24.23
CA ILE C 99 -5.10 32.72 -24.64
C ILE C 99 -5.26 31.34 -24.00
N GLU C 100 -4.15 30.62 -23.80
CA GLU C 100 -4.18 29.33 -23.10
C GLU C 100 -4.42 29.52 -21.59
N LYS C 101 -3.77 30.51 -21.01
CA LYS C 101 -4.01 30.81 -19.60
C LYS C 101 -5.47 31.19 -19.37
N ALA C 102 -6.02 31.98 -20.29
CA ALA C 102 -7.43 32.40 -20.24
C ALA C 102 -8.37 31.21 -20.26
N SER C 103 -8.11 30.27 -21.16
CA SER C 103 -9.01 29.12 -21.31
C SER C 103 -9.00 28.24 -20.07
N VAL C 104 -7.86 28.15 -19.39
CA VAL C 104 -7.76 27.30 -18.19
C VAL C 104 -8.68 27.90 -17.13
N MSE C 105 -8.68 29.22 -17.09
CA MSE C 105 -9.47 29.95 -16.15
C MSE C 105 -10.96 29.91 -16.50
O MSE C 105 -11.81 30.00 -15.63
CB MSE C 105 -8.94 31.36 -16.06
CG MSE C 105 -7.47 31.36 -15.68
SE MSE C 105 -7.03 32.96 -14.76
CE MSE C 105 -5.66 32.34 -13.51
N TYR C 106 -11.26 29.75 -17.79
CA TYR C 106 -12.66 29.69 -18.20
C TYR C 106 -13.29 28.34 -17.77
N VAL C 107 -12.58 27.23 -17.95
CA VAL C 107 -13.10 25.92 -17.49
C VAL C 107 -13.19 25.86 -15.96
N GLU C 108 -12.24 26.52 -15.30
CA GLU C 108 -12.24 26.64 -13.85
C GLU C 108 -13.43 27.47 -13.31
N ASN C 109 -13.95 28.45 -14.08
CA ASN C 109 -15.09 29.35 -13.74
C ASN C 109 -16.49 28.77 -13.97
N GLY C 110 -16.56 27.72 -14.78
CA GLY C 110 -17.83 27.07 -15.13
C GLY C 110 -18.49 27.59 -16.39
N THR C 111 -17.72 28.28 -17.23
CA THR C 111 -18.21 28.73 -18.52
C THR C 111 -17.33 28.14 -19.63
N PRO C 112 -17.38 26.81 -19.82
CA PRO C 112 -16.41 26.11 -20.66
C PRO C 112 -16.60 26.36 -22.15
N ASP C 113 -17.85 26.59 -22.56
CA ASP C 113 -18.19 27.02 -23.92
C ASP C 113 -17.26 28.12 -24.34
N THR C 114 -17.21 29.15 -23.49
CA THR C 114 -16.44 30.35 -23.74
C THR C 114 -14.95 30.01 -23.90
N ALA C 115 -14.47 29.05 -23.11
CA ALA C 115 -13.10 28.58 -23.25
C ALA C 115 -12.87 28.00 -24.63
N ALA C 116 -13.77 27.14 -25.09
CA ALA C 116 -13.60 26.46 -26.38
C ALA C 116 -13.70 27.42 -27.55
N MSE C 117 -14.55 28.43 -27.44
CA MSE C 117 -14.69 29.36 -28.54
C MSE C 117 -13.48 30.27 -28.66
O MSE C 117 -13.05 30.59 -29.78
CB MSE C 117 -15.97 30.18 -28.40
CG MSE C 117 -17.25 29.44 -29.07
SE MSE C 117 -18.92 30.20 -28.12
CE MSE C 117 -18.33 32.32 -27.48
N ALA C 118 -12.90 30.65 -27.52
CA ALA C 118 -11.68 31.45 -27.52
C ALA C 118 -10.50 30.67 -28.09
N LEU C 119 -10.51 29.35 -27.92
CA LEU C 119 -9.47 28.51 -28.50
C LEU C 119 -9.67 28.32 -30.00
N ASP C 120 -10.92 28.01 -30.37
CA ASP C 120 -11.33 27.96 -31.76
C ASP C 120 -10.96 29.26 -32.48
N ARG C 121 -11.34 30.40 -31.89
CA ARG C 121 -11.09 31.69 -32.50
C ARG C 121 -9.59 31.89 -32.79
N ALA C 122 -8.76 31.65 -31.78
CA ALA C 122 -7.30 31.73 -31.90
C ALA C 122 -6.72 30.75 -32.94
N GLY C 123 -7.26 29.53 -32.97
CA GLY C 123 -6.81 28.55 -33.92
C GLY C 123 -6.85 29.17 -35.31
N LYS C 124 -8.03 29.66 -35.69
CA LYS C 124 -8.28 30.28 -36.99
C LYS C 124 -7.28 31.36 -37.32
N LEU C 125 -6.90 32.13 -36.33
CA LEU C 125 -5.99 33.23 -36.57
C LEU C 125 -4.53 32.78 -36.62
N MSE C 126 -4.26 31.55 -36.21
CA MSE C 126 -2.92 31.00 -36.36
C MSE C 126 -2.72 30.29 -37.71
O MSE C 126 -1.59 30.07 -38.14
CB MSE C 126 -2.61 30.02 -35.24
CG MSE C 126 -2.05 30.63 -33.99
SE MSE C 126 -0.71 32.02 -34.26
CE MSE C 126 0.88 31.14 -33.67
N GLU C 127 -3.81 29.90 -38.37
CA GLU C 127 -3.74 29.18 -39.65
C GLU C 127 -2.72 29.77 -40.65
N PRO C 128 -2.79 31.09 -40.92
CA PRO C 128 -1.82 31.66 -41.86
C PRO C 128 -0.41 31.90 -41.27
N LEU C 129 -0.17 31.44 -40.05
CA LEU C 129 1.10 31.77 -39.38
C LEU C 129 1.93 30.55 -38.96
N ASP C 130 1.25 29.48 -38.56
CA ASP C 130 1.90 28.25 -38.12
C ASP C 130 0.85 27.17 -37.96
N LEU C 131 0.70 26.36 -39.00
CA LEU C 131 -0.34 25.36 -39.00
C LEU C 131 -0.28 24.41 -37.80
N SER C 132 0.93 24.12 -37.33
CA SER C 132 1.06 23.20 -36.20
C SER C 132 0.32 23.74 -34.99
N LYS C 133 0.60 24.99 -34.64
CA LYS C 133 -0.04 25.58 -33.47
C LYS C 133 -1.56 25.72 -33.68
N ALA C 134 -1.96 25.98 -34.91
CA ALA C 134 -3.39 26.06 -35.23
C ALA C 134 -4.04 24.73 -34.93
N VAL C 135 -3.44 23.64 -35.42
CA VAL C 135 -3.89 22.30 -35.09
C VAL C 135 -3.98 22.13 -33.58
N HIS C 136 -2.92 22.52 -32.88
CA HIS C 136 -2.86 22.33 -31.44
C HIS C 136 -4.00 23.01 -30.71
N LEU C 137 -4.31 24.24 -31.09
CA LEU C 137 -5.38 25.01 -30.48
C LEU C 137 -6.74 24.38 -30.71
N TYR C 138 -6.91 23.84 -31.90
CA TYR C 138 -8.15 23.17 -32.26
C TYR C 138 -8.38 21.90 -31.44
N GLN C 139 -7.28 21.25 -31.05
CA GLN C 139 -7.34 20.01 -30.27
C GLN C 139 -7.63 20.35 -28.81
N GLN C 140 -7.03 21.44 -28.35
CA GLN C 140 -7.37 22.01 -27.08
C GLN C 140 -8.85 22.32 -27.04
N ALA C 141 -9.35 22.98 -28.07
CA ALA C 141 -10.77 23.35 -28.11
C ALA C 141 -11.66 22.12 -28.02
N ALA C 142 -11.25 21.07 -28.71
CA ALA C 142 -12.01 19.84 -28.77
C ALA C 142 -12.05 19.18 -27.42
N ALA C 143 -10.90 19.14 -26.76
CA ALA C 143 -10.81 18.53 -25.45
C ALA C 143 -11.79 19.22 -24.49
N VAL C 144 -11.76 20.55 -24.41
CA VAL C 144 -12.76 21.32 -23.65
C VAL C 144 -14.21 20.96 -24.01
N PHE C 145 -14.55 20.92 -25.30
CA PHE C 145 -15.93 20.60 -25.73
C PHE C 145 -16.34 19.22 -25.29
N GLU C 146 -15.38 18.28 -25.33
CA GLU C 146 -15.59 16.90 -24.94
C GLU C 146 -15.93 16.78 -23.47
N ASN C 147 -15.17 17.49 -22.65
CA ASN C 147 -15.37 17.44 -21.21
C ASN C 147 -16.74 17.93 -20.78
N GLU C 148 -17.18 19.07 -21.28
CA GLU C 148 -18.57 19.50 -21.01
C GLU C 148 -19.57 18.72 -21.85
N GLU C 149 -19.13 17.59 -22.40
CA GLU C 149 -19.99 16.68 -23.17
C GLU C 149 -20.76 17.32 -24.33
N ARG C 150 -20.06 18.17 -25.08
CA ARG C 150 -20.64 18.72 -26.28
C ARG C 150 -19.95 18.02 -27.43
N LEU C 151 -20.56 16.92 -27.85
CA LEU C 151 -19.90 15.99 -28.78
C LEU C 151 -19.86 16.44 -30.25
N ARG C 152 -20.99 16.91 -30.78
CA ARG C 152 -21.01 17.50 -32.14
C ARG C 152 -19.90 18.54 -32.23
N GLN C 153 -19.81 19.36 -31.19
CA GLN C 153 -18.84 20.46 -31.14
C GLN C 153 -17.39 19.97 -31.16
N ALA C 154 -17.09 18.98 -30.34
CA ALA C 154 -15.73 18.48 -30.27
C ALA C 154 -15.31 17.81 -31.61
N ALA C 155 -16.21 17.04 -32.21
CA ALA C 155 -15.92 16.31 -33.44
C ALA C 155 -15.61 17.26 -34.59
N GLU C 156 -16.39 18.36 -34.63
CA GLU C 156 -16.24 19.41 -35.62
C GLU C 156 -14.86 20.03 -35.52
N LEU C 157 -14.41 20.25 -34.30
CA LEU C 157 -13.05 20.75 -34.08
C LEU C 157 -11.94 19.76 -34.46
N ILE C 158 -12.19 18.46 -34.30
CA ILE C 158 -11.20 17.46 -34.68
C ILE C 158 -11.11 17.43 -36.19
N GLY C 159 -12.28 17.44 -36.83
CA GLY C 159 -12.42 17.68 -38.26
C GLY C 159 -11.53 18.80 -38.75
N LYS C 160 -11.45 19.90 -38.02
CA LYS C 160 -10.60 20.98 -38.48
C LYS C 160 -9.14 20.56 -38.43
N ALA C 161 -8.75 19.87 -37.36
CA ALA C 161 -7.36 19.45 -37.22
C ALA C 161 -7.00 18.42 -38.30
N SER C 162 -7.92 17.51 -38.58
CA SER C 162 -7.70 16.49 -39.59
C SER C 162 -7.35 17.16 -40.89
N ARG C 163 -8.22 18.08 -41.33
CA ARG C 163 -8.03 18.85 -42.55
C ARG C 163 -6.69 19.56 -42.60
N LEU C 164 -6.29 20.21 -41.52
CA LEU C 164 -5.04 20.95 -41.54
C LEU C 164 -3.82 20.05 -41.50
N LEU C 165 -3.96 18.87 -40.92
CA LEU C 165 -2.86 17.91 -40.85
C LEU C 165 -2.65 17.35 -42.25
N VAL C 166 -3.74 17.15 -42.98
CA VAL C 166 -3.64 16.80 -44.40
C VAL C 166 -2.95 17.94 -45.17
N ARG C 167 -3.33 19.19 -44.89
CA ARG C 167 -2.69 20.27 -45.59
C ARG C 167 -1.21 20.28 -45.29
N GLN C 168 -0.87 19.99 -44.03
CA GLN C 168 0.52 19.94 -43.60
C GLN C 168 1.27 18.72 -44.14
N GLN C 169 0.52 17.80 -44.74
CA GLN C 169 1.09 16.52 -45.16
C GLN C 169 1.68 15.68 -44.02
N LYS C 170 1.10 15.79 -42.83
CA LYS C 170 1.43 14.91 -41.73
C LYS C 170 0.39 13.78 -41.74
N PHE C 171 0.55 12.86 -42.69
CA PHE C 171 -0.50 11.91 -42.94
C PHE C 171 -0.75 10.91 -41.82
N ASP C 172 0.31 10.39 -41.23
CA ASP C 172 0.16 9.56 -40.04
C ASP C 172 -0.79 10.22 -39.03
N GLU C 173 -0.46 11.44 -38.63
CA GLU C 173 -1.30 12.17 -37.71
C GLU C 173 -2.72 12.32 -38.23
N ALA C 174 -2.86 12.67 -39.51
CA ALA C 174 -4.16 12.88 -40.12
C ALA C 174 -5.01 11.62 -40.02
N ALA C 175 -4.37 10.47 -40.25
CA ALA C 175 -5.03 9.18 -40.11
C ALA C 175 -5.58 8.98 -38.71
N ALA C 176 -4.76 9.26 -37.72
CA ALA C 176 -5.18 9.11 -36.34
C ALA C 176 -6.38 10.00 -36.08
N SER C 177 -6.24 11.28 -36.47
CA SER C 177 -7.28 12.29 -36.29
C SER C 177 -8.60 11.88 -36.95
N LEU C 178 -8.50 11.26 -38.12
CA LEU C 178 -9.68 10.82 -38.79
C LEU C 178 -10.37 9.64 -38.12
N GLN C 179 -9.59 8.74 -37.51
CA GLN C 179 -10.19 7.55 -36.89
C GLN C 179 -10.97 7.99 -35.66
N LYS C 180 -10.39 8.96 -34.95
CA LYS C 180 -11.03 9.58 -33.81
C LYS C 180 -12.35 10.22 -34.20
N GLU C 181 -12.32 11.05 -35.25
CA GLU C 181 -13.53 11.64 -35.78
C GLU C 181 -14.58 10.56 -36.00
N LYS C 182 -14.23 9.59 -36.85
CA LYS C 182 -15.15 8.52 -37.21
C LYS C 182 -15.77 7.86 -35.98
N SER C 183 -14.96 7.54 -34.97
CA SER C 183 -15.51 6.95 -33.73
C SER C 183 -16.63 7.81 -33.14
N MSE C 184 -16.37 9.11 -33.04
CA MSE C 184 -17.28 10.05 -32.43
C MSE C 184 -18.60 10.12 -33.17
O MSE C 184 -19.68 10.11 -32.57
CB MSE C 184 -16.64 11.44 -32.29
CG MSE C 184 -15.47 11.49 -31.29
SE MSE C 184 -14.38 13.12 -31.32
CE MSE C 184 -15.30 14.19 -30.12
N TYR C 185 -18.53 10.16 -34.50
CA TYR C 185 -19.76 10.19 -35.28
C TYR C 185 -20.48 8.87 -35.20
N LYS C 186 -19.71 7.81 -35.00
CA LYS C 186 -20.30 6.50 -34.87
C LYS C 186 -21.08 6.45 -33.56
N GLU C 187 -20.47 6.93 -32.49
CA GLU C 187 -21.15 6.96 -31.18
C GLU C 187 -22.44 7.78 -31.26
N MSE C 188 -22.34 8.98 -31.83
CA MSE C 188 -23.49 9.87 -32.05
C MSE C 188 -24.48 9.32 -33.07
O MSE C 188 -25.58 9.88 -33.23
CB MSE C 188 -22.99 11.20 -32.56
CG MSE C 188 -22.65 12.18 -31.50
SE MSE C 188 -21.80 13.67 -32.37
CE MSE C 188 -22.91 13.77 -34.11
N GLU C 189 -24.08 8.28 -33.79
CA GLU C 189 -24.93 7.60 -34.75
C GLU C 189 -25.25 8.47 -35.96
N ASN C 190 -24.30 9.33 -36.30
CA ASN C 190 -24.40 10.14 -37.51
C ASN C 190 -23.73 9.39 -38.64
N TYR C 191 -24.43 8.39 -39.15
CA TYR C 191 -23.84 7.47 -40.10
C TYR C 191 -23.42 8.14 -41.42
N PRO C 192 -24.33 8.85 -42.10
CA PRO C 192 -23.92 9.57 -43.33
C PRO C 192 -22.58 10.31 -43.23
N THR C 193 -22.23 10.81 -42.06
CA THR C 193 -20.99 11.55 -41.88
C THR C 193 -19.82 10.60 -41.73
N CYS C 194 -20.08 9.44 -41.14
CA CYS C 194 -19.07 8.39 -41.06
C CYS C 194 -18.59 7.98 -42.45
N TYR C 195 -19.53 7.75 -43.36
CA TYR C 195 -19.14 7.37 -44.71
C TYR C 195 -18.15 8.38 -45.30
N LYS C 196 -18.41 9.67 -45.10
CA LYS C 196 -17.49 10.65 -45.63
C LYS C 196 -16.13 10.51 -44.99
N LYS C 197 -16.08 10.18 -43.71
CA LYS C 197 -14.79 10.08 -43.07
C LYS C 197 -14.01 8.91 -43.66
N CYS C 198 -14.73 7.85 -44.02
CA CYS C 198 -14.09 6.73 -44.67
C CYS C 198 -13.45 7.15 -45.99
N ILE C 199 -14.16 7.91 -46.81
CA ILE C 199 -13.55 8.48 -48.01
C ILE C 199 -12.23 9.22 -47.71
N ALA C 200 -12.27 10.08 -46.71
CA ALA C 200 -11.10 10.84 -46.35
C ALA C 200 -9.99 9.90 -45.91
N GLN C 201 -10.38 8.86 -45.17
CA GLN C 201 -9.41 7.93 -44.62
C GLN C 201 -8.69 7.24 -45.77
N VAL C 202 -9.47 6.75 -46.72
CA VAL C 202 -8.92 6.04 -47.83
C VAL C 202 -7.96 6.91 -48.63
N LEU C 203 -8.37 8.16 -48.90
CA LEU C 203 -7.56 9.14 -49.63
C LEU C 203 -6.24 9.34 -48.94
N VAL C 204 -6.30 9.39 -47.62
CA VAL C 204 -5.09 9.57 -46.87
C VAL C 204 -4.17 8.35 -46.98
N GLN C 205 -4.75 7.16 -46.85
CA GLN C 205 -3.96 5.96 -46.85
C GLN C 205 -3.32 5.72 -48.22
N LEU C 206 -4.12 5.87 -49.28
CA LEU C 206 -3.61 5.73 -50.65
C LEU C 206 -2.49 6.73 -50.88
N HIS C 207 -2.62 7.91 -50.30
CA HIS C 207 -1.53 8.84 -50.45
C HIS C 207 -0.26 8.39 -49.77
N ARG C 208 -0.39 7.67 -48.64
CA ARG C 208 0.77 7.06 -48.00
C ARG C 208 1.23 5.83 -48.78
N ALA C 209 0.48 5.46 -49.82
CA ALA C 209 0.71 4.22 -50.60
C ALA C 209 0.64 2.98 -49.70
N ASP C 210 -0.19 3.09 -48.67
CA ASP C 210 -0.52 1.95 -47.82
C ASP C 210 -1.87 1.37 -48.25
N TYR C 211 -1.86 0.68 -49.37
CA TYR C 211 -3.05 0.08 -49.90
C TYR C 211 -3.80 -0.78 -48.88
N VAL C 212 -3.04 -1.57 -48.10
CA VAL C 212 -3.64 -2.45 -47.11
C VAL C 212 -4.45 -1.68 -46.05
N ALA C 213 -3.86 -0.67 -45.43
CA ALA C 213 -4.59 0.19 -44.48
C ALA C 213 -5.86 0.75 -45.13
N ALA C 214 -5.76 1.16 -46.40
CA ALA C 214 -6.90 1.74 -47.08
C ALA C 214 -8.04 0.75 -47.13
N GLN C 215 -7.67 -0.49 -47.43
CA GLN C 215 -8.65 -1.52 -47.64
C GLN C 215 -9.28 -1.89 -46.30
N LYS C 216 -8.43 -1.90 -45.28
CA LYS C 216 -8.86 -2.05 -43.92
C LYS C 216 -9.98 -1.09 -43.52
N CYS C 217 -9.84 0.20 -43.84
CA CYS C 217 -10.84 1.20 -43.50
C CYS C 217 -12.19 0.86 -44.07
N VAL C 218 -12.20 0.45 -45.34
CA VAL C 218 -13.44 0.08 -45.97
C VAL C 218 -13.98 -1.20 -45.33
N ARG C 219 -13.11 -2.19 -45.10
CA ARG C 219 -13.61 -3.40 -44.47
C ARG C 219 -14.31 -3.00 -43.19
N GLU C 220 -13.60 -2.26 -42.35
CA GLU C 220 -14.14 -1.87 -41.07
C GLU C 220 -15.48 -1.14 -41.15
N SER C 221 -15.65 -0.34 -42.19
CA SER C 221 -16.84 0.50 -42.33
C SER C 221 -18.09 -0.25 -42.74
N TYR C 222 -17.93 -1.50 -43.23
CA TYR C 222 -19.09 -2.28 -43.63
C TYR C 222 -19.96 -2.54 -42.43
N SER C 223 -19.41 -2.44 -41.23
CA SER C 223 -20.18 -2.65 -40.03
C SER C 223 -20.93 -1.40 -39.56
N ILE C 224 -20.58 -0.26 -40.12
CA ILE C 224 -21.38 0.93 -39.92
C ILE C 224 -22.69 0.84 -40.71
N PRO C 225 -23.84 0.90 -40.00
CA PRO C 225 -25.15 0.71 -40.65
C PRO C 225 -25.35 1.65 -41.83
N GLY C 226 -25.85 1.08 -42.93
CA GLY C 226 -26.08 1.81 -44.16
C GLY C 226 -24.86 2.05 -45.04
N PHE C 227 -23.66 1.78 -44.54
CA PHE C 227 -22.48 1.96 -45.37
C PHE C 227 -22.51 1.03 -46.60
N SER C 228 -22.75 -0.26 -46.43
CA SER C 228 -22.67 -1.17 -47.57
C SER C 228 -23.48 -0.70 -48.75
N GLY C 229 -24.67 -0.16 -48.50
CA GLY C 229 -25.57 0.21 -49.59
C GLY C 229 -25.39 1.62 -50.13
N SER C 230 -24.45 2.36 -49.57
CA SER C 230 -24.30 3.75 -49.90
C SER C 230 -23.47 3.94 -51.18
N GLU C 231 -23.63 5.12 -51.82
CA GLU C 231 -22.79 5.56 -52.92
C GLU C 231 -21.36 5.71 -52.46
N ASP C 232 -21.19 6.11 -51.20
CA ASP C 232 -19.85 6.36 -50.72
C ASP C 232 -19.04 5.07 -50.82
N CYS C 233 -19.71 3.95 -50.59
CA CYS C 233 -19.03 2.70 -50.51
C CYS C 233 -18.70 2.23 -51.92
N ALA C 234 -19.68 2.30 -52.82
CA ALA C 234 -19.47 1.96 -54.22
C ALA C 234 -18.30 2.78 -54.81
N ALA C 235 -18.24 4.07 -54.49
CA ALA C 235 -17.13 4.88 -54.94
C ALA C 235 -15.80 4.31 -54.46
N LEU C 236 -15.73 3.94 -53.18
CA LEU C 236 -14.46 3.59 -52.55
C LEU C 236 -13.99 2.23 -53.04
N GLU C 237 -14.94 1.38 -53.38
CA GLU C 237 -14.59 0.11 -53.93
C GLU C 237 -14.04 0.28 -55.33
N ASP C 238 -14.71 1.07 -56.18
CA ASP C 238 -14.19 1.42 -57.49
C ASP C 238 -12.82 2.04 -57.34
N LEU C 239 -12.64 2.89 -56.34
CA LEU C 239 -11.37 3.55 -56.19
C LEU C 239 -10.28 2.50 -55.90
N LEU C 240 -10.54 1.62 -54.93
CA LEU C 240 -9.57 0.61 -54.57
C LEU C 240 -9.31 -0.33 -55.72
N GLN C 241 -10.37 -0.81 -56.37
CA GLN C 241 -10.20 -1.68 -57.51
C GLN C 241 -9.29 -1.02 -58.56
N ALA C 242 -9.50 0.26 -58.85
CA ALA C 242 -8.72 0.95 -59.87
C ALA C 242 -7.27 1.16 -59.44
N TYR C 243 -7.04 1.36 -58.15
CA TYR C 243 -5.69 1.46 -57.61
C TYR C 243 -4.98 0.09 -57.71
N ASP C 244 -5.77 -0.97 -57.54
CA ASP C 244 -5.24 -2.30 -57.47
C ASP C 244 -4.83 -2.74 -58.88
N GLU C 245 -5.78 -2.69 -59.82
CA GLU C 245 -5.56 -3.02 -61.24
C GLU C 245 -4.74 -1.96 -61.97
N GLN C 246 -4.34 -0.91 -61.26
CA GLN C 246 -3.60 0.21 -61.84
C GLN C 246 -4.27 0.95 -63.04
N ASP C 247 -5.60 1.04 -63.02
CA ASP C 247 -6.36 1.64 -64.10
C ASP C 247 -6.43 3.16 -63.91
N GLU C 248 -5.53 3.89 -64.54
CA GLU C 248 -5.46 5.33 -64.35
C GLU C 248 -6.77 6.07 -64.73
N GLU C 249 -7.30 5.78 -65.91
CA GLU C 249 -8.55 6.40 -66.35
C GLU C 249 -9.61 6.29 -65.27
N GLN C 250 -9.80 5.10 -64.71
CA GLN C 250 -10.77 4.92 -63.62
C GLN C 250 -10.42 5.67 -62.34
N LEU C 251 -9.15 5.73 -61.98
CA LEU C 251 -8.79 6.32 -60.70
C LEU C 251 -8.97 7.83 -60.77
N LEU C 252 -8.60 8.43 -61.91
CA LEU C 252 -8.81 9.83 -62.10
C LEU C 252 -10.31 10.14 -62.17
N ARG C 253 -11.07 9.37 -62.93
CA ARG C 253 -12.51 9.56 -63.00
C ARG C 253 -13.17 9.58 -61.62
N VAL C 254 -12.91 8.55 -60.81
CA VAL C 254 -13.45 8.50 -59.45
C VAL C 254 -13.04 9.71 -58.63
N CYS C 255 -11.77 10.07 -58.68
CA CYS C 255 -11.28 11.18 -57.89
C CYS C 255 -11.85 12.54 -58.32
N ARG C 256 -12.64 12.55 -59.39
CA ARG C 256 -13.16 13.81 -59.94
C ARG C 256 -14.67 13.70 -60.06
N SER C 257 -15.24 12.65 -59.47
CA SER C 257 -16.66 12.61 -59.24
C SER C 257 -17.13 13.57 -58.10
N PRO C 258 -18.37 14.06 -58.18
CA PRO C 258 -18.98 14.97 -57.22
C PRO C 258 -18.91 14.50 -55.79
N LEU C 259 -19.12 13.20 -55.59
CA LEU C 259 -18.97 12.64 -54.26
C LEU C 259 -17.68 13.05 -53.64
N VAL C 260 -16.62 13.07 -54.44
CA VAL C 260 -15.30 13.34 -53.90
C VAL C 260 -14.96 14.79 -54.04
N THR C 261 -15.27 15.41 -55.17
CA THR C 261 -14.88 16.81 -55.32
C THR C 261 -15.63 17.74 -54.39
N TYR C 262 -16.80 17.32 -53.92
CA TYR C 262 -17.51 18.14 -52.94
C TYR C 262 -17.10 17.92 -51.46
N MSE C 263 -16.15 17.03 -51.20
CA MSE C 263 -15.51 16.95 -49.90
C MSE C 263 -14.98 18.33 -49.52
O MSE C 263 -14.85 19.19 -50.36
CB MSE C 263 -14.31 16.01 -49.95
CG MSE C 263 -14.52 14.57 -50.46
SE MSE C 263 -15.21 13.39 -49.17
CE MSE C 263 -13.90 13.52 -47.74
N ASP C 264 -14.64 18.53 -48.26
CA ASP C 264 -13.85 19.65 -47.86
C ASP C 264 -12.61 19.77 -48.74
N ASN C 265 -12.22 21.02 -48.97
CA ASN C 265 -11.11 21.38 -49.82
C ASN C 265 -9.85 20.55 -49.67
N ASP C 266 -9.35 20.40 -48.46
CA ASP C 266 -8.13 19.64 -48.26
C ASP C 266 -8.19 18.17 -48.70
N TYR C 267 -9.37 17.57 -48.64
CA TYR C 267 -9.51 16.20 -49.07
C TYR C 267 -9.76 16.14 -50.55
N ALA C 268 -10.49 17.13 -51.07
CA ALA C 268 -10.74 17.16 -52.49
C ALA C 268 -9.45 17.32 -53.26
N LYS C 269 -8.55 18.18 -52.75
CA LYS C 269 -7.26 18.41 -53.37
C LYS C 269 -6.45 17.14 -53.32
N LEU C 270 -6.46 16.48 -52.18
CA LEU C 270 -5.71 15.27 -51.98
C LEU C 270 -6.14 14.25 -53.03
N ALA C 271 -7.43 14.19 -53.32
CA ALA C 271 -7.93 13.29 -54.32
C ALA C 271 -7.43 13.69 -55.68
N ILE C 272 -7.28 14.98 -55.92
CA ILE C 272 -6.83 15.51 -57.21
C ILE C 272 -5.40 15.05 -57.47
N SER C 273 -4.59 14.93 -56.43
CA SER C 273 -3.19 14.68 -56.64
C SER C 273 -2.83 13.19 -56.65
N LEU C 274 -3.81 12.33 -56.45
CA LEU C 274 -3.60 10.89 -56.39
C LEU C 274 -3.26 10.30 -57.74
N LYS C 275 -2.24 9.45 -57.78
CA LYS C 275 -1.91 8.71 -59.01
C LYS C 275 -1.88 7.22 -58.79
N VAL C 276 -2.22 6.46 -59.83
CA VAL C 276 -1.96 5.03 -59.91
C VAL C 276 -0.48 4.77 -59.56
N PRO C 277 -0.18 3.71 -58.79
CA PRO C 277 1.22 3.41 -58.40
C PRO C 277 2.18 3.08 -59.55
N SER D 8 31.61 -22.91 24.64
CA SER D 8 32.94 -23.23 25.22
C SER D 8 34.02 -22.23 24.80
N GLU D 9 34.04 -21.89 23.51
CA GLU D 9 34.99 -20.92 22.97
C GLU D 9 34.74 -19.51 23.47
N ALA D 10 33.47 -19.16 23.59
CA ALA D 10 33.05 -17.83 24.08
C ALA D 10 33.60 -17.56 25.48
N HIS D 11 33.45 -18.53 26.37
CA HIS D 11 33.97 -18.44 27.73
C HIS D 11 35.49 -18.38 27.78
N GLU D 12 36.16 -19.08 26.86
CA GLU D 12 37.63 -19.02 26.73
C GLU D 12 38.08 -17.61 26.36
N HIS D 13 37.28 -16.96 25.51
CA HIS D 13 37.55 -15.58 25.09
C HIS D 13 37.30 -14.56 26.21
N ILE D 14 36.21 -14.73 26.97
CA ILE D 14 35.96 -13.92 28.17
C ILE D 14 37.14 -14.04 29.16
N ALA D 15 37.56 -15.28 29.40
CA ALA D 15 38.71 -15.57 30.28
C ALA D 15 40.00 -14.90 29.80
N LYS D 16 40.24 -14.91 28.49
CA LYS D 16 41.41 -14.22 27.90
C LYS D 16 41.28 -12.70 28.03
N ALA D 17 40.10 -12.18 27.70
CA ALA D 17 39.78 -10.77 27.91
C ALA D 17 40.06 -10.31 29.33
N GLU D 18 39.60 -11.07 30.32
CA GLU D 18 39.82 -10.71 31.72
C GLU D 18 41.29 -10.75 32.11
N LYS D 19 42.05 -11.66 31.49
CA LYS D 19 43.48 -11.75 31.73
C LYS D 19 44.23 -10.54 31.15
N TYR D 20 43.79 -10.08 29.97
CA TYR D 20 44.38 -8.89 29.35
C TYR D 20 44.16 -7.61 30.16
N LEU D 21 43.01 -7.52 30.82
CA LEU D 21 42.69 -6.36 31.68
C LEU D 21 43.44 -6.43 33.01
N LYS D 22 43.81 -7.63 33.44
CA LYS D 22 44.62 -7.79 34.67
C LYS D 22 45.94 -7.04 34.58
N THR D 23 46.37 -6.57 35.74
CA THR D 23 47.36 -5.52 35.82
C THR D 23 48.51 -5.99 36.72
N SER D 24 49.71 -5.45 36.49
CA SER D 24 50.90 -5.92 37.18
C SER D 24 51.93 -4.82 37.39
N PHE D 25 52.96 -5.16 38.17
CA PHE D 25 54.09 -4.29 38.42
C PHE D 25 54.97 -4.04 37.18
N MSE D 26 54.55 -4.49 36.00
CA MSE D 26 55.27 -4.13 34.77
C MSE D 26 54.39 -3.36 33.80
O MSE D 26 54.59 -2.15 33.61
CB MSE D 26 55.81 -5.36 34.08
CG MSE D 26 56.90 -6.06 34.81
SE MSE D 26 57.07 -7.79 33.97
CE MSE D 26 55.12 -8.39 33.93
N LYS D 27 53.43 -4.04 33.18
CA LYS D 27 52.43 -3.35 32.39
C LYS D 27 51.36 -2.82 33.35
N TRP D 28 51.51 -1.54 33.71
CA TRP D 28 50.62 -0.90 34.68
C TRP D 28 49.38 -0.22 34.09
N LYS D 29 49.16 -0.45 32.79
CA LYS D 29 47.92 -0.04 32.17
C LYS D 29 47.27 -1.27 31.55
N PRO D 30 45.96 -1.47 31.80
CA PRO D 30 45.31 -2.62 31.18
C PRO D 30 45.42 -2.57 29.66
N ASP D 31 45.52 -3.74 29.04
CA ASP D 31 45.61 -3.83 27.58
C ASP D 31 44.18 -3.73 27.01
N TYR D 32 43.65 -2.51 26.97
CA TYR D 32 42.27 -2.30 26.56
C TYR D 32 42.00 -2.79 25.15
N ASP D 33 42.96 -2.56 24.26
CA ASP D 33 42.81 -2.96 22.86
C ASP D 33 42.60 -4.46 22.69
N SER D 34 43.44 -5.27 23.34
CA SER D 34 43.35 -6.73 23.23
C SER D 34 42.10 -7.30 23.92
N ALA D 35 41.72 -6.69 25.05
CA ALA D 35 40.48 -7.07 25.74
C ALA D 35 39.27 -6.87 24.84
N ALA D 36 39.24 -5.74 24.13
CA ALA D 36 38.16 -5.43 23.21
C ALA D 36 38.03 -6.49 22.11
N SER D 37 39.16 -6.92 21.56
CA SER D 37 39.18 -7.95 20.53
C SER D 37 38.60 -9.27 21.02
N GLU D 38 38.99 -9.66 22.23
CA GLU D 38 38.53 -10.89 22.84
C GLU D 38 37.04 -10.84 23.17
N TYR D 39 36.58 -9.70 23.70
CA TYR D 39 35.16 -9.51 23.96
C TYR D 39 34.34 -9.57 22.67
N ALA D 40 34.86 -8.97 21.60
CA ALA D 40 34.25 -9.07 20.27
C ALA D 40 34.09 -10.53 19.83
N LYS D 41 35.13 -11.34 20.10
CA LYS D 41 35.13 -12.74 19.71
C LYS D 41 34.22 -13.60 20.58
N ALA D 42 34.15 -13.26 21.87
CA ALA D 42 33.19 -13.89 22.78
C ALA D 42 31.77 -13.63 22.28
N ALA D 43 31.51 -12.38 21.90
CA ALA D 43 30.21 -11.94 21.42
C ALA D 43 29.76 -12.70 20.17
N VAL D 44 30.66 -12.78 19.19
CA VAL D 44 30.39 -13.51 17.95
C VAL D 44 30.13 -15.00 18.20
N ALA D 45 30.82 -15.56 19.19
CA ALA D 45 30.67 -16.97 19.57
C ALA D 45 29.34 -17.26 20.25
N PHE D 46 28.97 -16.42 21.24
CA PHE D 46 27.67 -16.50 21.90
C PHE D 46 26.51 -16.36 20.91
N LYS D 47 26.66 -15.43 19.96
CA LYS D 47 25.67 -15.15 18.93
C LYS D 47 25.43 -16.38 18.05
N ASN D 48 26.52 -17.02 17.60
CA ASN D 48 26.45 -18.22 16.78
C ASN D 48 25.85 -19.40 17.54
N ALA D 49 26.06 -19.42 18.86
CA ALA D 49 25.50 -20.42 19.74
C ALA D 49 24.06 -20.09 20.14
N LYS D 50 23.53 -18.98 19.62
CA LYS D 50 22.17 -18.50 19.88
C LYS D 50 21.96 -18.13 21.36
N GLN D 51 23.03 -17.69 22.02
CA GLN D 51 22.98 -17.20 23.40
C GLN D 51 22.95 -15.68 23.37
N LEU D 52 21.86 -15.12 22.84
CA LEU D 52 21.76 -13.69 22.54
C LEU D 52 21.98 -12.74 23.71
N GLU D 53 21.48 -13.11 24.90
CA GLU D 53 21.68 -12.30 26.10
C GLU D 53 23.15 -12.20 26.51
N GLN D 54 23.85 -13.33 26.46
CA GLN D 54 25.30 -13.36 26.72
C GLN D 54 26.10 -12.62 25.64
N ALA D 55 25.70 -12.78 24.38
CA ALA D 55 26.29 -12.02 23.28
C ALA D 55 26.21 -10.52 23.58
N LYS D 56 25.05 -10.08 24.04
CA LYS D 56 24.83 -8.67 24.41
C LYS D 56 25.75 -8.19 25.53
N ASP D 57 25.93 -8.97 26.59
CA ASP D 57 26.80 -8.58 27.68
C ASP D 57 28.28 -8.54 27.27
N ALA D 58 28.66 -9.39 26.32
CA ALA D 58 30.01 -9.40 25.80
C ALA D 58 30.27 -8.17 24.94
N TYR D 59 29.28 -7.77 24.13
CA TYR D 59 29.36 -6.55 23.33
C TYR D 59 29.50 -5.29 24.20
N LEU D 60 28.83 -5.28 25.36
CA LEU D 60 28.93 -4.16 26.31
C LEU D 60 30.33 -4.05 26.88
N GLN D 61 30.91 -5.20 27.23
CA GLN D 61 32.31 -5.25 27.66
C GLN D 61 33.26 -4.78 26.56
N GLU D 62 32.98 -5.13 25.30
CA GLU D 62 33.87 -4.70 24.21
C GLU D 62 33.75 -3.18 24.00
N ALA D 63 32.54 -2.64 24.17
CA ALA D 63 32.31 -1.19 24.10
C ALA D 63 33.08 -0.44 25.18
N GLU D 64 32.98 -0.92 26.41
CA GLU D 64 33.78 -0.41 27.53
C GLU D 64 35.29 -0.40 27.23
N ALA D 65 35.79 -1.51 26.69
CA ALA D 65 37.21 -1.67 26.41
C ALA D 65 37.67 -0.66 25.35
N HIS D 66 36.93 -0.59 24.24
CA HIS D 66 37.20 0.38 23.17
C HIS D 66 37.19 1.83 23.66
N ALA D 67 36.21 2.17 24.50
CA ALA D 67 36.10 3.53 25.04
C ALA D 67 37.31 3.86 25.88
N ASN D 68 37.72 2.91 26.72
CA ASN D 68 38.90 3.06 27.55
C ASN D 68 40.22 3.15 26.75
N ASN D 69 40.19 2.66 25.51
CA ASN D 69 41.35 2.74 24.62
C ASN D 69 41.22 3.92 23.67
N ARG D 70 40.37 4.88 24.04
CA ARG D 70 40.07 6.08 23.23
C ARG D 70 39.65 5.74 21.82
N SER D 71 39.00 4.60 21.64
CA SER D 71 38.59 4.16 20.31
C SER D 71 37.08 4.34 20.14
N LEU D 72 36.67 5.58 19.91
CA LEU D 72 35.26 5.96 19.97
C LEU D 72 34.37 5.31 18.91
N PHE D 73 34.85 5.27 17.66
CA PHE D 73 34.08 4.66 16.57
C PHE D 73 33.74 3.19 16.85
N HIS D 74 34.71 2.44 17.38
CA HIS D 74 34.55 1.01 17.64
C HIS D 74 33.70 0.72 18.88
N ALA D 75 33.83 1.59 19.89
CA ALA D 75 32.94 1.57 21.03
C ALA D 75 31.49 1.74 20.57
N ALA D 76 31.25 2.77 19.76
CA ALA D 76 29.91 3.05 19.23
C ALA D 76 29.35 1.84 18.47
N LYS D 77 30.17 1.26 17.58
CA LYS D 77 29.81 0.06 16.80
C LYS D 77 29.41 -1.12 17.70
N ALA D 78 30.09 -1.25 18.84
CA ALA D 78 29.82 -2.34 19.76
C ALA D 78 28.52 -2.13 20.52
N PHE D 79 28.29 -0.88 20.97
CA PHE D 79 27.01 -0.51 21.57
C PHE D 79 25.83 -0.82 20.65
N GLU D 80 25.99 -0.48 19.37
CA GLU D 80 24.98 -0.78 18.36
C GLU D 80 24.75 -2.28 18.22
N GLN D 81 25.80 -3.07 18.40
CA GLN D 81 25.65 -4.51 18.33
C GLN D 81 24.87 -5.06 19.55
N ALA D 82 25.18 -4.53 20.73
CA ALA D 82 24.43 -4.86 21.94
C ALA D 82 22.93 -4.53 21.80
N GLY D 83 22.65 -3.38 21.19
CA GLY D 83 21.27 -3.00 20.88
C GLY D 83 20.61 -4.00 19.93
N MSE D 84 21.35 -4.38 18.88
CA MSE D 84 20.92 -5.34 17.85
C MSE D 84 20.50 -6.68 18.46
O MSE D 84 19.54 -7.32 18.00
CB MSE D 84 22.06 -5.57 16.84
CG MSE D 84 21.69 -6.36 15.59
SE MSE D 84 21.44 -5.27 13.99
CE MSE D 84 23.20 -4.35 13.91
N MSE D 85 21.22 -7.08 19.51
CA MSE D 85 20.94 -8.29 20.28
C MSE D 85 19.62 -8.15 21.04
O MSE D 85 18.78 -9.06 21.03
CB MSE D 85 22.07 -8.61 21.27
CG MSE D 85 23.41 -8.97 20.63
SE MSE D 85 23.34 -10.54 19.47
CE MSE D 85 23.23 -9.65 17.70
N LEU D 86 19.45 -7.00 21.69
CA LEU D 86 18.25 -6.70 22.46
C LEU D 86 17.00 -6.64 21.59
N LYS D 87 17.12 -6.02 20.41
CA LYS D 87 16.06 -6.03 19.40
C LYS D 87 15.70 -7.47 19.03
N ASP D 88 16.71 -8.27 18.72
CA ASP D 88 16.51 -9.66 18.30
C ASP D 88 15.94 -10.53 19.42
N LEU D 89 16.00 -10.03 20.65
CA LEU D 89 15.49 -10.72 21.83
C LEU D 89 14.09 -10.23 22.20
N GLN D 90 13.50 -9.39 21.35
CA GLN D 90 12.21 -8.72 21.59
C GLN D 90 12.26 -7.81 22.83
N ARG D 91 13.38 -7.11 23.00
CA ARG D 91 13.54 -6.16 24.10
C ARG D 91 14.11 -4.83 23.59
N MSE D 92 13.45 -4.30 22.54
CA MSE D 92 13.86 -3.08 21.87
C MSE D 92 13.91 -1.82 22.77
O MSE D 92 14.85 -1.04 22.64
CB MSE D 92 12.99 -2.84 20.62
CG MSE D 92 13.40 -1.67 19.74
SE MSE D 92 15.18 -1.80 18.96
CE MSE D 92 15.29 0.02 18.28
N PRO D 93 12.91 -1.63 23.66
CA PRO D 93 13.04 -0.53 24.63
C PRO D 93 14.38 -0.50 25.37
N GLU D 94 14.90 -1.66 25.76
CA GLU D 94 16.19 -1.74 26.48
C GLU D 94 17.41 -1.40 25.62
N ALA D 95 17.23 -1.38 24.29
CA ALA D 95 18.32 -1.07 23.38
C ALA D 95 18.59 0.43 23.33
N VAL D 96 17.53 1.22 23.50
CA VAL D 96 17.58 2.69 23.35
C VAL D 96 18.76 3.35 24.05
N GLN D 97 18.95 3.05 25.34
CA GLN D 97 20.05 3.65 26.11
C GLN D 97 21.41 3.46 25.43
N TYR D 98 21.63 2.27 24.87
CA TYR D 98 22.89 1.94 24.20
C TYR D 98 23.00 2.68 22.87
N ILE D 99 21.85 3.15 22.39
CA ILE D 99 21.77 3.89 21.15
C ILE D 99 22.06 5.37 21.35
N GLU D 100 21.71 5.91 22.51
CA GLU D 100 22.02 7.30 22.85
C GLU D 100 23.50 7.47 23.17
N LYS D 101 24.05 6.51 23.91
CA LYS D 101 25.49 6.51 24.21
C LYS D 101 26.30 6.39 22.91
N ALA D 102 25.88 5.48 22.02
CA ALA D 102 26.54 5.29 20.72
C ALA D 102 26.56 6.56 19.88
N SER D 103 25.44 7.29 19.88
CA SER D 103 25.30 8.52 19.08
C SER D 103 26.22 9.64 19.57
N VAL D 104 26.35 9.78 20.90
CA VAL D 104 27.29 10.75 21.50
C VAL D 104 28.72 10.43 21.05
N MSE D 105 29.01 9.13 21.00
CA MSE D 105 30.32 8.64 20.57
C MSE D 105 30.54 8.83 19.06
O MSE D 105 31.68 9.08 18.63
CB MSE D 105 30.51 7.18 21.00
CG MSE D 105 30.44 7.02 22.52
SE MSE D 105 31.59 5.63 23.19
CE MSE D 105 32.02 6.34 24.96
N TYR D 106 29.48 8.74 18.28
CA TYR D 106 29.56 8.96 16.84
C TYR D 106 29.85 10.43 16.45
N VAL D 107 29.18 11.39 17.12
CA VAL D 107 29.49 12.82 16.88
C VAL D 107 30.90 13.16 17.36
N GLU D 108 31.30 12.58 18.49
CA GLU D 108 32.63 12.75 19.06
C GLU D 108 33.72 12.14 18.16
N ASN D 109 33.39 11.06 17.45
CA ASN D 109 34.30 10.39 16.48
C ASN D 109 34.45 11.15 15.17
N GLY D 110 33.48 12.02 14.88
CA GLY D 110 33.48 12.82 13.65
C GLY D 110 32.69 12.22 12.51
N THR D 111 31.73 11.35 12.82
CA THR D 111 30.84 10.79 11.81
C THR D 111 29.38 10.97 12.23
N PRO D 112 28.92 12.25 12.29
CA PRO D 112 27.62 12.57 12.89
C PRO D 112 26.42 12.08 12.08
N ASP D 113 26.59 11.98 10.76
CA ASP D 113 25.62 11.36 9.87
C ASP D 113 25.18 10.00 10.40
N THR D 114 26.17 9.17 10.74
CA THR D 114 25.94 7.80 11.20
C THR D 114 25.19 7.79 12.52
N ALA D 115 25.50 8.77 13.37
CA ALA D 115 24.75 8.99 14.61
C ALA D 115 23.26 9.25 14.32
N ALA D 116 22.99 10.24 13.45
CA ALA D 116 21.63 10.65 13.16
C ALA D 116 20.85 9.54 12.45
N MSE D 117 21.54 8.69 11.69
CA MSE D 117 20.90 7.57 10.99
C MSE D 117 20.54 6.43 11.96
O MSE D 117 19.50 5.79 11.78
CB MSE D 117 21.75 7.08 9.82
CG MSE D 117 21.71 8.03 8.61
SE MSE D 117 22.77 7.50 7.04
CE MSE D 117 24.57 7.45 7.81
N ALA D 118 21.38 6.21 12.97
CA ALA D 118 21.11 5.21 14.00
C ALA D 118 19.94 5.63 14.88
N LEU D 119 19.81 6.94 15.12
CA LEU D 119 18.69 7.48 15.90
C LEU D 119 17.37 7.43 15.13
N ASP D 120 17.40 7.89 13.88
CA ASP D 120 16.27 7.78 12.94
C ASP D 120 15.77 6.35 12.84
N ARG D 121 16.70 5.41 12.65
CA ARG D 121 16.38 3.98 12.52
C ARG D 121 15.63 3.45 13.75
N ALA D 122 16.17 3.74 14.93
CA ALA D 122 15.58 3.34 16.21
C ALA D 122 14.19 3.95 16.41
N GLY D 123 14.05 5.22 16.05
CA GLY D 123 12.77 5.92 16.12
C GLY D 123 11.67 5.14 15.43
N LYS D 124 11.90 4.84 14.15
CA LYS D 124 10.96 4.07 13.34
C LYS D 124 10.56 2.74 13.97
N LEU D 125 11.51 2.09 14.65
CA LEU D 125 11.25 0.80 15.32
C LEU D 125 10.58 0.95 16.69
N MSE D 126 10.59 2.16 17.24
CA MSE D 126 9.86 2.47 18.48
C MSE D 126 8.39 2.88 18.25
O MSE D 126 7.56 2.80 19.17
CB MSE D 126 10.55 3.58 19.27
CG MSE D 126 11.67 3.13 20.19
SE MSE D 126 11.38 1.44 21.12
CE MSE D 126 10.89 2.11 22.88
N GLU D 127 8.09 3.33 17.02
CA GLU D 127 6.73 3.77 16.65
C GLU D 127 5.61 2.82 17.08
N PRO D 128 5.70 1.51 16.73
CA PRO D 128 4.66 0.58 17.18
C PRO D 128 4.66 0.29 18.68
N LEU D 129 5.59 0.87 19.43
CA LEU D 129 5.78 0.48 20.83
C LEU D 129 5.54 1.59 21.85
N ASP D 130 5.99 2.79 21.51
CA ASP D 130 5.87 3.94 22.39
C ASP D 130 6.17 5.18 21.56
N LEU D 131 5.11 5.83 21.11
CA LEU D 131 5.22 7.00 20.27
C LEU D 131 6.01 8.14 20.92
N SER D 132 5.89 8.31 22.24
CA SER D 132 6.63 9.38 22.91
C SER D 132 8.13 9.21 22.74
N LYS D 133 8.63 8.00 22.96
CA LYS D 133 10.06 7.71 22.82
C LYS D 133 10.51 7.80 21.36
N ALA D 134 9.66 7.37 20.43
CA ALA D 134 9.91 7.55 19.00
C ALA D 134 10.05 9.03 18.64
N VAL D 135 9.17 9.86 19.18
CA VAL D 135 9.21 11.31 18.95
C VAL D 135 10.54 11.84 19.48
N HIS D 136 10.92 11.36 20.65
CA HIS D 136 12.16 11.80 21.29
C HIS D 136 13.41 11.46 20.47
N LEU D 137 13.47 10.25 19.92
CA LEU D 137 14.61 9.82 19.10
C LEU D 137 14.75 10.63 17.82
N TYR D 138 13.60 10.95 17.21
CA TYR D 138 13.54 11.77 16.00
C TYR D 138 14.04 13.18 16.27
N GLN D 139 13.74 13.71 17.45
CA GLN D 139 14.22 15.03 17.87
C GLN D 139 15.72 14.97 18.12
N GLN D 140 16.15 13.90 18.76
CA GLN D 140 17.59 13.64 18.93
C GLN D 140 18.32 13.57 17.60
N ALA D 141 17.73 12.86 16.64
CA ALA D 141 18.30 12.75 15.29
C ALA D 141 18.39 14.11 14.61
N ALA D 142 17.35 14.92 14.79
CA ALA D 142 17.27 16.27 14.21
C ALA D 142 18.32 17.20 14.76
N ALA D 143 18.55 17.12 16.09
CA ALA D 143 19.56 17.93 16.75
C ALA D 143 20.94 17.62 16.17
N VAL D 144 21.25 16.33 16.03
CA VAL D 144 22.52 15.91 15.42
C VAL D 144 22.64 16.46 13.99
N PHE D 145 21.61 16.29 13.17
CA PHE D 145 21.64 16.78 11.79
C PHE D 145 21.84 18.29 11.73
N GLU D 146 21.16 19.01 12.63
CA GLU D 146 21.29 20.46 12.71
C GLU D 146 22.72 20.89 13.08
N ASN D 147 23.33 20.17 14.03
CA ASN D 147 24.69 20.51 14.47
C ASN D 147 25.74 20.37 13.38
N GLU D 148 25.64 19.32 12.56
CA GLU D 148 26.51 19.22 11.40
C GLU D 148 25.93 20.00 10.21
N GLU D 149 24.97 20.86 10.52
CA GLU D 149 24.37 21.80 9.54
C GLU D 149 23.81 21.12 8.30
N ARG D 150 23.05 20.05 8.50
CA ARG D 150 22.33 19.42 7.40
C ARG D 150 20.84 19.73 7.59
N LEU D 151 20.41 20.85 7.01
CA LEU D 151 19.14 21.46 7.39
C LEU D 151 17.92 20.81 6.76
N ARG D 152 18.07 20.33 5.52
CA ARG D 152 17.00 19.54 4.89
C ARG D 152 16.70 18.31 5.74
N GLN D 153 17.76 17.62 6.15
CA GLN D 153 17.71 16.42 7.01
C GLN D 153 17.07 16.66 8.38
N ALA D 154 17.45 17.77 9.03
CA ALA D 154 16.91 18.11 10.35
C ALA D 154 15.40 18.39 10.30
N ALA D 155 14.99 19.31 9.41
CA ALA D 155 13.57 19.61 9.18
C ALA D 155 12.72 18.36 8.92
N GLU D 156 13.23 17.46 8.06
CA GLU D 156 12.55 16.21 7.72
C GLU D 156 12.24 15.40 8.97
N LEU D 157 13.23 15.30 9.86
CA LEU D 157 13.07 14.59 11.12
C LEU D 157 12.09 15.28 12.08
N ILE D 158 12.14 16.61 12.18
CA ILE D 158 11.11 17.37 12.92
C ILE D 158 9.72 17.10 12.31
N GLY D 159 9.62 17.08 10.99
CA GLY D 159 8.41 16.64 10.30
C GLY D 159 7.85 15.34 10.85
N LYS D 160 8.72 14.35 11.08
CA LYS D 160 8.30 13.05 11.60
C LYS D 160 7.71 13.23 12.98
N ALA D 161 8.39 14.03 13.80
CA ALA D 161 7.93 14.27 15.17
C ALA D 161 6.60 15.02 15.20
N SER D 162 6.46 16.02 14.32
CA SER D 162 5.21 16.77 14.13
C SER D 162 4.04 15.81 13.86
N ARG D 163 4.24 14.93 12.91
CA ARG D 163 3.20 14.00 12.51
C ARG D 163 2.81 13.05 13.65
N LEU D 164 3.79 12.60 14.43
CA LEU D 164 3.51 11.61 15.48
C LEU D 164 2.86 12.27 16.67
N LEU D 165 3.26 13.51 16.94
CA LEU D 165 2.62 14.31 18.00
C LEU D 165 1.13 14.54 17.70
N VAL D 166 0.80 14.68 16.41
CA VAL D 166 -0.60 14.78 15.97
C VAL D 166 -1.29 13.43 16.23
N ARG D 167 -0.66 12.34 15.81
CA ARG D 167 -1.22 11.01 16.05
C ARG D 167 -1.43 10.77 17.54
N GLN D 168 -0.49 11.28 18.35
CA GLN D 168 -0.56 11.16 19.81
C GLN D 168 -1.61 12.08 20.41
N GLN D 169 -2.12 13.00 19.58
CA GLN D 169 -3.06 14.05 20.02
C GLN D 169 -2.45 15.00 21.06
N LYS D 170 -1.13 15.23 21.00
CA LYS D 170 -0.49 16.27 21.82
C LYS D 170 -0.38 17.54 20.96
N PHE D 171 -1.51 18.23 20.81
CA PHE D 171 -1.63 19.31 19.83
C PHE D 171 -0.83 20.56 20.18
N ASP D 172 -0.63 20.83 21.46
CA ASP D 172 0.26 21.90 21.84
C ASP D 172 1.65 21.67 21.30
N GLU D 173 2.21 20.50 21.60
CA GLU D 173 3.55 20.16 21.16
C GLU D 173 3.63 20.11 19.65
N ALA D 174 2.62 19.49 19.02
CA ALA D 174 2.51 19.46 17.56
C ALA D 174 2.63 20.85 16.95
N ALA D 175 1.92 21.82 17.55
CA ALA D 175 1.92 23.19 17.08
C ALA D 175 3.33 23.76 17.13
N ALA D 176 3.99 23.61 18.28
CA ALA D 176 5.36 24.07 18.49
C ALA D 176 6.30 23.44 17.45
N SER D 177 6.14 22.13 17.25
CA SER D 177 6.95 21.40 16.30
C SER D 177 6.78 21.97 14.88
N LEU D 178 5.52 22.23 14.50
CA LEU D 178 5.21 22.75 13.16
C LEU D 178 5.71 24.18 12.95
N GLN D 179 5.71 24.99 14.00
CA GLN D 179 6.27 26.34 13.88
C GLN D 179 7.79 26.25 13.60
N LYS D 180 8.45 25.33 14.30
CA LYS D 180 9.87 25.07 14.10
C LYS D 180 10.15 24.62 12.67
N GLU D 181 9.40 23.61 12.20
CA GLU D 181 9.48 23.18 10.80
C GLU D 181 9.42 24.37 9.85
N LYS D 182 8.35 25.16 9.99
CA LYS D 182 8.08 26.31 9.13
C LYS D 182 9.23 27.32 9.10
N SER D 183 9.82 27.63 10.26
CA SER D 183 10.98 28.53 10.31
C SER D 183 12.17 28.00 9.50
N MSE D 184 12.41 26.68 9.61
CA MSE D 184 13.52 26.02 8.93
C MSE D 184 13.38 26.05 7.42
O MSE D 184 14.33 26.40 6.72
CB MSE D 184 13.68 24.58 9.43
CG MSE D 184 14.13 24.47 10.89
SE MSE D 184 13.91 22.66 11.59
CE MSE D 184 15.75 22.07 11.39
N TYR D 185 12.18 25.72 6.92
CA TYR D 185 11.91 25.80 5.47
C TYR D 185 11.89 27.24 4.95
N LYS D 186 11.49 28.17 5.82
CA LYS D 186 11.57 29.61 5.52
C LYS D 186 13.03 30.06 5.38
N GLU D 187 13.88 29.66 6.33
CA GLU D 187 15.32 29.94 6.25
C GLU D 187 15.96 29.36 4.99
N MSE D 188 15.67 28.09 4.70
CA MSE D 188 16.11 27.41 3.48
C MSE D 188 15.48 27.96 2.21
O MSE D 188 15.91 27.61 1.09
CB MSE D 188 15.79 25.93 3.57
CG MSE D 188 16.86 25.07 4.15
SE MSE D 188 16.10 23.30 4.35
CE MSE D 188 15.00 23.15 2.70
N GLU D 189 14.44 28.78 2.37
CA GLU D 189 13.68 29.39 1.26
C GLU D 189 12.94 28.36 0.38
N ASN D 190 12.52 27.26 0.99
CA ASN D 190 11.65 26.30 0.33
C ASN D 190 10.19 26.70 0.55
N TYR D 191 9.75 27.72 -0.19
CA TYR D 191 8.44 28.31 0.08
C TYR D 191 7.26 27.37 -0.12
N PRO D 192 7.19 26.64 -1.26
CA PRO D 192 6.12 25.66 -1.46
C PRO D 192 5.84 24.72 -0.27
N THR D 193 6.89 24.37 0.48
CA THR D 193 6.74 23.47 1.61
C THR D 193 6.26 24.22 2.83
N CYS D 194 6.64 25.50 2.95
CA CYS D 194 6.12 26.35 4.02
C CYS D 194 4.59 26.39 3.97
N TYR D 195 4.01 26.56 2.78
CA TYR D 195 2.56 26.69 2.63
C TYR D 195 1.87 25.48 3.26
N LYS D 196 2.37 24.29 2.91
CA LYS D 196 1.87 23.02 3.47
C LYS D 196 2.00 22.95 5.00
N LYS D 197 3.04 23.53 5.57
CA LYS D 197 3.16 23.56 7.04
C LYS D 197 2.02 24.41 7.61
N CYS D 198 1.67 25.48 6.90
CA CYS D 198 0.60 26.35 7.35
C CYS D 198 -0.74 25.64 7.28
N ILE D 199 -0.96 24.87 6.22
CA ILE D 199 -2.13 23.98 6.22
C ILE D 199 -2.18 23.17 7.52
N ALA D 200 -1.08 22.48 7.84
CA ALA D 200 -1.01 21.62 9.01
C ALA D 200 -1.14 22.41 10.32
N GLN D 201 -0.62 23.62 10.34
CA GLN D 201 -0.77 24.47 11.49
C GLN D 201 -2.24 24.79 11.74
N VAL D 202 -2.97 25.14 10.69
CA VAL D 202 -4.38 25.54 10.83
C VAL D 202 -5.26 24.37 11.26
N LEU D 203 -5.06 23.22 10.64
CA LEU D 203 -5.75 22.00 11.02
C LEU D 203 -5.60 21.70 12.50
N VAL D 204 -4.40 21.92 13.04
CA VAL D 204 -4.11 21.62 14.44
C VAL D 204 -4.83 22.59 15.35
N GLN D 205 -4.78 23.87 14.99
CA GLN D 205 -5.37 24.90 15.81
C GLN D 205 -6.89 24.85 15.77
N LEU D 206 -7.45 24.56 14.60
CA LEU D 206 -8.90 24.36 14.50
C LEU D 206 -9.33 23.15 15.35
N HIS D 207 -8.51 22.11 15.37
CA HIS D 207 -8.78 20.95 16.20
C HIS D 207 -8.75 21.29 17.69
N ARG D 208 -7.85 22.17 18.09
CA ARG D 208 -7.85 22.70 19.45
C ARG D 208 -9.03 23.65 19.68
N ALA D 209 -9.83 23.91 18.64
CA ALA D 209 -10.89 24.93 18.67
C ALA D 209 -10.35 26.31 19.03
N ASP D 210 -9.11 26.59 18.65
CA ASP D 210 -8.48 27.89 18.89
C ASP D 210 -8.48 28.71 17.59
N TYR D 211 -9.67 29.21 17.23
CA TYR D 211 -9.88 29.89 15.95
C TYR D 211 -8.94 31.08 15.74
N VAL D 212 -8.61 31.76 16.83
CA VAL D 212 -7.72 32.92 16.75
C VAL D 212 -6.30 32.51 16.36
N ALA D 213 -5.75 31.50 17.03
CA ALA D 213 -4.41 31.01 16.73
C ALA D 213 -4.37 30.54 15.28
N ALA D 214 -5.44 29.90 14.84
CA ALA D 214 -5.54 29.40 13.46
C ALA D 214 -5.42 30.54 12.46
N GLN D 215 -6.17 31.60 12.72
CA GLN D 215 -6.21 32.75 11.84
C GLN D 215 -4.85 33.46 11.84
N LYS D 216 -4.23 33.54 13.01
CA LYS D 216 -2.88 34.06 13.20
C LYS D 216 -1.83 33.40 12.30
N CYS D 217 -1.84 32.08 12.23
CA CYS D 217 -0.95 31.36 11.30
C CYS D 217 -1.06 31.88 9.87
N VAL D 218 -2.28 31.94 9.35
CA VAL D 218 -2.55 32.44 8.00
C VAL D 218 -2.09 33.89 7.84
N ARG D 219 -2.40 34.74 8.82
CA ARG D 219 -1.96 36.13 8.79
C ARG D 219 -0.44 36.23 8.71
N GLU D 220 0.23 35.40 9.50
CA GLU D 220 1.70 35.41 9.57
C GLU D 220 2.32 34.91 8.28
N SER D 221 1.64 33.96 7.64
CA SER D 221 2.12 33.38 6.40
C SER D 221 2.03 34.33 5.20
N TYR D 222 1.19 35.37 5.28
CA TYR D 222 1.07 36.32 4.16
C TYR D 222 2.42 36.95 3.79
N SER D 223 3.32 37.04 4.76
CA SER D 223 4.63 37.62 4.48
C SER D 223 5.63 36.61 3.90
N ILE D 224 5.27 35.33 3.88
CA ILE D 224 6.08 34.32 3.19
C ILE D 224 5.86 34.45 1.66
N PRO D 225 6.96 34.73 0.90
CA PRO D 225 6.83 34.98 -0.55
C PRO D 225 6.05 33.91 -1.31
N GLY D 226 5.12 34.36 -2.14
CA GLY D 226 4.31 33.47 -2.94
C GLY D 226 3.16 32.81 -2.20
N PHE D 227 3.04 33.03 -0.89
CA PHE D 227 1.92 32.44 -0.14
C PHE D 227 0.55 33.06 -0.49
N SER D 228 0.49 34.39 -0.56
CA SER D 228 -0.79 35.08 -0.81
C SER D 228 -1.50 34.60 -2.07
N GLY D 229 -0.73 34.37 -3.14
CA GLY D 229 -1.30 33.94 -4.42
C GLY D 229 -1.46 32.44 -4.64
N SER D 230 -1.11 31.62 -3.67
CA SER D 230 -1.13 30.17 -3.84
C SER D 230 -2.51 29.50 -3.62
N GLU D 231 -2.69 28.29 -4.17
CA GLU D 231 -3.86 27.44 -3.86
C GLU D 231 -3.98 27.18 -2.37
N ASP D 232 -2.84 27.03 -1.71
CA ASP D 232 -2.75 26.67 -0.30
C ASP D 232 -3.46 27.71 0.55
N CYS D 233 -3.19 28.97 0.23
CA CYS D 233 -3.77 30.09 0.95
C CYS D 233 -5.26 30.23 0.66
N ALA D 234 -5.65 30.07 -0.61
CA ALA D 234 -7.04 30.21 -0.99
C ALA D 234 -7.84 29.19 -0.18
N ALA D 235 -7.35 27.96 -0.14
CA ALA D 235 -8.00 26.87 0.56
C ALA D 235 -8.14 27.13 2.07
N LEU D 236 -7.09 27.65 2.70
CA LEU D 236 -7.15 27.90 4.13
C LEU D 236 -8.09 29.06 4.45
N GLU D 237 -8.20 30.01 3.54
CA GLU D 237 -9.13 31.14 3.75
C GLU D 237 -10.56 30.68 3.63
N ASP D 238 -10.82 29.77 2.68
CA ASP D 238 -12.12 29.14 2.58
C ASP D 238 -12.41 28.36 3.87
N LEU D 239 -11.37 27.81 4.49
CA LEU D 239 -11.59 26.92 5.63
C LEU D 239 -12.02 27.73 6.81
N LEU D 240 -11.22 28.75 7.08
CA LEU D 240 -11.53 29.66 8.15
C LEU D 240 -12.91 30.28 7.95
N GLN D 241 -13.16 30.82 6.76
CA GLN D 241 -14.47 31.41 6.49
C GLN D 241 -15.59 30.42 6.81
N ALA D 242 -15.43 29.17 6.38
CA ALA D 242 -16.45 28.14 6.62
C ALA D 242 -16.60 27.87 8.12
N TYR D 243 -15.48 27.83 8.84
CA TYR D 243 -15.50 27.57 10.28
C TYR D 243 -16.15 28.74 11.03
N ASP D 244 -15.86 29.95 10.57
CA ASP D 244 -16.41 31.17 11.15
C ASP D 244 -17.93 31.27 10.92
N GLU D 245 -18.34 31.13 9.66
CA GLU D 245 -19.76 31.12 9.25
C GLU D 245 -20.51 29.83 9.61
N GLN D 246 -19.80 28.87 10.19
CA GLN D 246 -20.40 27.59 10.55
C GLN D 246 -21.09 26.87 9.37
N ASP D 247 -20.46 26.93 8.21
CA ASP D 247 -20.96 26.29 7.00
C ASP D 247 -20.40 24.86 6.89
N GLU D 248 -21.15 23.87 7.36
CA GLU D 248 -20.66 22.48 7.40
C GLU D 248 -20.30 21.95 6.01
N GLU D 249 -21.19 22.18 5.06
CA GLU D 249 -20.98 21.75 3.69
C GLU D 249 -19.63 22.20 3.12
N GLN D 250 -19.30 23.47 3.33
CA GLN D 250 -18.03 24.04 2.86
C GLN D 250 -16.81 23.52 3.63
N LEU D 251 -16.96 23.30 4.93
CA LEU D 251 -15.84 22.85 5.76
C LEU D 251 -15.46 21.42 5.35
N LEU D 252 -16.47 20.58 5.17
CA LEU D 252 -16.28 19.21 4.79
C LEU D 252 -15.63 19.16 3.40
N ARG D 253 -16.21 19.89 2.44
CA ARG D 253 -15.63 20.03 1.10
C ARG D 253 -14.14 20.41 1.14
N VAL D 254 -13.77 21.42 1.90
CA VAL D 254 -12.38 21.82 1.85
C VAL D 254 -11.49 20.73 2.41
N CYS D 255 -11.91 20.16 3.54
CA CYS D 255 -11.16 19.08 4.20
C CYS D 255 -11.04 17.82 3.33
N ARG D 256 -11.73 17.80 2.20
CA ARG D 256 -11.75 16.59 1.36
C ARG D 256 -11.22 16.87 -0.05
N SER D 257 -10.70 18.06 -0.24
CA SER D 257 -10.04 18.46 -1.47
C SER D 257 -8.63 17.86 -1.52
N PRO D 258 -8.16 17.56 -2.76
CA PRO D 258 -6.86 16.94 -3.02
C PRO D 258 -5.74 17.64 -2.29
N LEU D 259 -5.81 18.98 -2.23
CA LEU D 259 -4.79 19.75 -1.56
C LEU D 259 -4.60 19.25 -0.15
N VAL D 260 -5.71 18.84 0.46
CA VAL D 260 -5.71 18.49 1.88
C VAL D 260 -5.55 16.99 2.03
N THR D 261 -6.23 16.21 1.18
CA THR D 261 -6.20 14.77 1.35
C THR D 261 -4.91 14.15 0.90
N TYR D 262 -4.12 14.88 0.14
CA TYR D 262 -2.81 14.36 -0.23
C TYR D 262 -1.71 14.83 0.71
N MSE D 263 -2.10 15.48 1.82
CA MSE D 263 -1.15 15.74 2.90
C MSE D 263 -0.66 14.38 3.43
O MSE D 263 -1.29 13.35 3.20
CB MSE D 263 -1.83 16.47 4.08
CG MSE D 263 -2.56 17.76 3.82
SE MSE D 263 -1.44 19.31 3.90
CE MSE D 263 -0.65 19.32 5.66
N ASP D 264 0.44 14.37 4.16
CA ASP D 264 0.82 13.22 4.99
C ASP D 264 -0.37 12.72 5.79
N ASN D 265 -0.46 11.41 5.94
CA ASN D 265 -1.61 10.76 6.58
C ASN D 265 -2.13 11.39 7.87
N ASP D 266 -1.26 11.56 8.86
CA ASP D 266 -1.68 12.15 10.11
C ASP D 266 -2.45 13.48 9.99
N TYR D 267 -2.07 14.31 9.02
CA TYR D 267 -2.78 15.57 8.81
C TYR D 267 -4.08 15.38 8.05
N ALA D 268 -4.08 14.44 7.12
CA ALA D 268 -5.25 14.18 6.29
C ALA D 268 -6.40 13.69 7.16
N LYS D 269 -6.08 12.77 8.06
CA LYS D 269 -7.03 12.24 9.07
C LYS D 269 -7.54 13.35 9.99
N LEU D 270 -6.62 14.19 10.44
CA LEU D 270 -6.98 15.28 11.31
C LEU D 270 -8.00 16.18 10.62
N ALA D 271 -7.87 16.31 9.30
CA ALA D 271 -8.78 17.12 8.53
C ALA D 271 -10.12 16.41 8.39
N ILE D 272 -10.08 15.10 8.20
CA ILE D 272 -11.28 14.30 8.06
C ILE D 272 -12.21 14.46 9.27
N SER D 273 -11.63 14.57 10.46
CA SER D 273 -12.38 14.51 11.69
C SER D 273 -12.89 15.86 12.17
N LEU D 274 -12.56 16.91 11.42
CA LEU D 274 -12.91 18.27 11.78
C LEU D 274 -14.39 18.53 11.59
N LYS D 275 -15.02 19.20 12.54
CA LYS D 275 -16.41 19.62 12.39
C LYS D 275 -16.62 21.10 12.73
N VAL D 276 -17.55 21.72 12.01
CA VAL D 276 -18.11 23.03 12.37
C VAL D 276 -18.45 23.08 13.87
N PRO D 277 -18.06 24.18 14.56
CA PRO D 277 -18.28 24.29 16.02
C PRO D 277 -19.74 24.24 16.47
S SO4 E . 49.80 -58.58 -7.21
O1 SO4 E . 48.53 -58.44 -7.94
O2 SO4 E . 50.26 -59.91 -7.59
O3 SO4 E . 50.68 -57.51 -7.66
O4 SO4 E . 49.78 -58.51 -5.73
S SO4 F . 16.90 -37.16 -21.54
O1 SO4 F . 18.20 -37.13 -22.21
O2 SO4 F . 16.48 -38.51 -21.14
O3 SO4 F . 17.09 -36.22 -20.43
O4 SO4 F . 15.90 -36.60 -22.46
S SO4 G . 8.27 -41.63 -1.13
O1 SO4 G . 9.55 -41.11 -0.62
O2 SO4 G . 8.50 -42.99 -1.63
O3 SO4 G . 7.32 -41.71 0.00
O4 SO4 G . 7.75 -40.82 -2.24
S SO4 H . -8.27 -8.07 14.13
O1 SO4 H . -7.95 -8.62 12.81
O2 SO4 H . -7.58 -8.82 15.17
O3 SO4 H . -7.81 -6.68 14.16
O4 SO4 H . -9.71 -8.14 14.38
S SO4 I . -37.91 3.08 12.92
O1 SO4 I . -38.17 2.42 11.63
O2 SO4 I . -36.77 2.44 13.60
O3 SO4 I . -37.57 4.52 12.80
O4 SO4 I . -39.11 2.78 13.70
S SO4 J . -45.17 3.18 37.71
O1 SO4 J . -45.68 4.23 36.79
O2 SO4 J . -44.84 1.95 36.96
O3 SO4 J . -44.01 3.71 38.42
O4 SO4 J . -46.22 2.65 38.58
S SO4 K . -17.94 11.05 14.61
O1 SO4 K . -16.60 11.54 14.25
O2 SO4 K . -18.25 9.78 13.92
O3 SO4 K . -17.97 10.85 16.05
O4 SO4 K . -18.97 12.01 14.20
S SO4 L . -10.43 26.02 -46.92
O1 SO4 L . -9.64 26.16 -48.16
O2 SO4 L . -9.57 26.21 -45.77
O3 SO4 L . -11.46 27.05 -46.92
O4 SO4 L . -11.14 24.74 -46.84
S SO4 M . -23.12 19.40 -28.70
O1 SO4 M . -22.00 20.27 -29.05
O2 SO4 M . -22.75 18.00 -28.86
O3 SO4 M . -23.48 19.63 -27.29
O4 SO4 M . -24.27 19.72 -29.56
S SO4 N . 1.51 6.65 7.87
O1 SO4 N . 2.20 6.40 6.60
O2 SO4 N . 2.32 6.09 8.95
O3 SO4 N . 1.38 8.10 8.04
O4 SO4 N . 0.19 6.01 7.85
#